data_9L24
#
_entry.id   9L24
#
_cell.length_a   1.00
_cell.length_b   1.00
_cell.length_c   1.00
_cell.angle_alpha   90.00
_cell.angle_beta   90.00
_cell.angle_gamma   90.00
#
_symmetry.space_group_name_H-M   'P 1'
#
loop_
_entity.id
_entity.type
_entity.pdbx_description
1 polymer 'Vitamin K-dependent gamma-carboxylase'
2 polymer 'Matrix Gla protein'
3 branched 2-acetamido-2-deoxy-beta-D-glucopyranose-(1-4)-2-acetamido-2-deoxy-beta-D-glucopyranose
4 non-polymer 2-acetamido-2-deoxy-beta-D-glucopyranose
5 non-polymer 'vitamin K1 hydroquinone'
6 non-polymer CHOLESTEROL
7 non-polymer 1,2-dioleoyl-sn-glycero-3-phosphoethanolamine
8 non-polymer 'CHOLESTEROL HEMISUCCINATE'
#
loop_
_entity_poly.entity_id
_entity_poly.type
_entity_poly.pdbx_seq_one_letter_code
_entity_poly.pdbx_strand_id
1 'polypeptide(L)'
;SRIGKLLGFEWTDLSSWRRLVTLLNRPTDPASLAVFRFLFGFLMVLDIPQERGLSSLDRKYLDGLDVCRFPLLDALRPLP
LDWMYLVYTIMFLGALGMMLGLCYRISCVLFLLPYWYVFLLDKTSWNNHSYLYGLLAFQLTFMDANHYWSVDGLLNAHRR
NAHVPLWNYAVLRGQIFIVYFIAGVKKLDADWVEGYSMEYLSRHWLFSPFKLLLSEELTSLLVVHWGGLLLDLSAGFLLF
FDVSRSIGLFFVSYFHCMNSQLFSIGMFSYVMLASSPLFCSPEWPRKLVSYCPRRLQQLLPLKAAPQPSVSCVYKRSRGK
SGQKPGLRHQLGAAFTLLYLLEQLFLPYSHFLTQGYNNWTNGLYGYSWDMMVHSRSHQHVKITYRDGRTGELGYLNPGVF
TQSRRWKDHADMLKQYATCLSRLLPKYNVTEPQIYFDIWVSINDRFQQRIFDPRVDIVQAAWSPFQRTSWVQPLLMDLSP
WRAKLQEIKSSLDNHTEVVFIADFPGLHLENFVSEDLGNTSIQLLQGEVTVELVAEQKNQTLREGEKMQLPAGEYHKVYT
TSPSPSCYMYVYVNTTELALEQDLAYLQELKEKVENGSETGPLPPELQPLLEGEVKGGPEPTPLVQTFLRRQQRLQEIER
RRNTPFHERFFRFLLRKLYVFRRSFLMTCISLRNLILGRPSLEQLAQEVTYANLRPFE
;
A
2 'polypeptide(L)' LNPFINRRNANTFISPQQRWRAKVQERIR B
#
# COMPACT_ATOMS: atom_id res chain seq x y z
N SER A 1 44.28 18.24 -5.99
CA SER A 1 43.18 17.42 -5.51
C SER A 1 42.40 16.82 -6.68
N ARG A 2 42.74 15.59 -7.04
CA ARG A 2 42.05 14.90 -8.12
C ARG A 2 40.61 14.61 -7.74
N ILE A 3 40.41 13.90 -6.63
CA ILE A 3 39.06 13.64 -6.11
C ILE A 3 38.86 14.64 -4.98
N GLY A 4 38.49 15.86 -5.36
CA GLY A 4 38.17 16.91 -4.40
C GLY A 4 36.94 17.66 -4.85
N LYS A 5 36.43 17.29 -6.03
CA LYS A 5 35.22 17.86 -6.58
C LYS A 5 34.22 16.83 -7.10
N LEU A 6 34.66 15.61 -7.40
CA LEU A 6 33.75 14.53 -7.74
C LEU A 6 33.12 13.87 -6.52
N LEU A 7 33.65 14.13 -5.33
CA LEU A 7 33.13 13.55 -4.11
C LEU A 7 32.85 14.57 -3.00
N GLY A 8 33.45 15.76 -3.05
CA GLY A 8 33.22 16.77 -2.06
C GLY A 8 34.17 16.76 -0.88
N PHE A 9 35.03 15.75 -0.77
CA PHE A 9 35.98 15.65 0.33
C PHE A 9 37.25 14.97 -0.20
N GLU A 10 38.16 14.67 0.72
CA GLU A 10 39.43 14.04 0.40
C GLU A 10 39.57 12.72 1.14
N TRP A 11 40.62 11.97 0.79
CA TRP A 11 40.89 10.69 1.44
C TRP A 11 41.47 10.87 2.84
N THR A 12 42.20 11.95 3.08
CA THR A 12 42.78 12.17 4.39
C THR A 12 41.74 12.52 5.45
N ASP A 13 40.53 12.90 5.04
CA ASP A 13 39.50 13.28 6.00
C ASP A 13 38.86 12.08 6.68
N LEU A 14 39.12 10.86 6.20
CA LEU A 14 38.56 9.65 6.78
C LEU A 14 39.62 8.78 7.44
N SER A 15 40.72 9.38 7.89
CA SER A 15 41.81 8.65 8.50
C SER A 15 41.73 8.60 10.02
N SER A 16 40.91 9.43 10.64
CA SER A 16 40.79 9.44 12.09
C SER A 16 39.39 9.88 12.48
N TRP A 17 39.00 9.52 13.71
CA TRP A 17 37.68 9.88 14.21
C TRP A 17 37.52 11.39 14.32
N ARG A 18 38.54 12.08 14.81
CA ARG A 18 38.47 13.53 14.93
C ARG A 18 38.33 14.20 13.58
N ARG A 19 39.08 13.73 12.58
CA ARG A 19 38.98 14.28 11.24
C ARG A 19 37.60 14.02 10.64
N LEU A 20 37.05 12.83 10.86
CA LEU A 20 35.72 12.53 10.36
C LEU A 20 34.67 13.43 11.02
N VAL A 21 34.78 13.64 12.33
CA VAL A 21 33.84 14.52 13.02
C VAL A 21 33.96 15.94 12.49
N THR A 22 35.18 16.41 12.26
CA THR A 22 35.38 17.75 11.70
C THR A 22 34.75 17.85 10.31
N LEU A 23 34.91 16.82 9.48
CA LEU A 23 34.33 16.85 8.14
C LEU A 23 32.80 16.87 8.20
N LEU A 24 32.21 16.03 9.05
CA LEU A 24 30.76 15.91 9.07
C LEU A 24 30.06 17.13 9.68
N ASN A 25 30.79 18.04 10.32
CA ASN A 25 30.22 19.23 10.91
C ASN A 25 30.59 20.49 10.12
N ARG A 26 30.88 20.34 8.84
CA ARG A 26 31.23 21.47 8.00
C ARG A 26 30.01 22.38 7.82
N PRO A 27 30.17 23.70 7.92
CA PRO A 27 29.03 24.60 7.73
C PRO A 27 28.50 24.56 6.31
N THR A 28 27.22 24.83 6.16
CA THR A 28 26.55 24.70 4.86
C THR A 28 25.33 25.60 4.83
N ASP A 29 25.01 26.10 3.64
CA ASP A 29 23.85 26.97 3.45
C ASP A 29 22.56 26.19 3.72
N PRO A 30 21.67 26.73 4.57
CA PRO A 30 20.46 25.99 4.93
C PRO A 30 19.25 26.24 4.03
N ALA A 31 19.46 26.83 2.85
CA ALA A 31 18.33 27.26 2.03
C ALA A 31 17.52 26.06 1.51
N SER A 32 18.21 25.08 0.90
CA SER A 32 17.52 23.93 0.35
C SER A 32 16.83 23.11 1.45
N LEU A 33 17.47 23.02 2.61
CA LEU A 33 16.85 22.34 3.74
C LEU A 33 15.55 23.03 4.14
N ALA A 34 15.56 24.37 4.16
CA ALA A 34 14.35 25.11 4.50
C ALA A 34 13.25 24.88 3.48
N VAL A 35 13.60 24.88 2.19
CA VAL A 35 12.60 24.65 1.15
C VAL A 35 12.01 23.25 1.29
N PHE A 36 12.86 22.25 1.55
CA PHE A 36 12.36 20.89 1.73
C PHE A 36 11.45 20.79 2.95
N ARG A 37 11.81 21.45 4.04
CA ARG A 37 10.96 21.43 5.23
C ARG A 37 9.60 22.05 4.94
N PHE A 38 9.59 23.18 4.24
CA PHE A 38 8.32 23.83 3.90
C PHE A 38 7.46 22.91 3.04
N LEU A 39 8.06 22.31 2.00
CA LEU A 39 7.28 21.45 1.11
C LEU A 39 6.76 20.22 1.84
N PHE A 40 7.59 19.59 2.69
CA PHE A 40 7.16 18.41 3.42
C PHE A 40 6.03 18.74 4.39
N GLY A 41 6.14 19.86 5.09
CA GLY A 41 5.05 20.26 5.98
C GLY A 41 3.76 20.53 5.24
N PHE A 42 3.86 21.21 4.10
CA PHE A 42 2.66 21.48 3.31
C PHE A 42 2.00 20.19 2.84
N LEU A 43 2.81 19.24 2.36
CA LEU A 43 2.26 17.98 1.88
C LEU A 43 1.65 17.17 3.00
N MET A 44 2.28 17.16 4.19
CA MET A 44 1.70 16.44 5.32
C MET A 44 0.39 17.07 5.77
N VAL A 45 0.32 18.40 5.78
CA VAL A 45 -0.92 19.08 6.15
C VAL A 45 -2.02 18.72 5.15
N LEU A 46 -1.70 18.72 3.85
CA LEU A 46 -2.69 18.34 2.85
C LEU A 46 -3.06 16.85 2.94
N ASP A 47 -2.17 16.00 3.42
CA ASP A 47 -2.37 14.56 3.39
C ASP A 47 -3.09 14.02 4.61
N ILE A 48 -2.94 14.66 5.77
CA ILE A 48 -3.52 14.10 7.00
C ILE A 48 -5.02 13.90 6.91
N PRO A 49 -5.83 14.87 6.47
CA PRO A 49 -7.28 14.62 6.37
C PRO A 49 -7.68 13.56 5.35
N GLN A 50 -6.84 13.25 4.36
CA GLN A 50 -7.25 12.34 3.29
C GLN A 50 -6.85 10.90 3.55
N GLU A 51 -5.55 10.64 3.67
CA GLU A 51 -5.06 9.27 3.75
C GLU A 51 -5.10 8.70 5.17
N ARG A 52 -4.81 9.52 6.17
CA ARG A 52 -4.77 9.02 7.54
C ARG A 52 -6.16 8.69 8.08
N GLY A 53 -7.22 9.05 7.38
CA GLY A 53 -8.56 8.66 7.78
C GLY A 53 -9.21 9.57 8.80
N LEU A 54 -8.85 10.85 8.85
CA LEU A 54 -9.52 11.76 9.77
C LEU A 54 -10.99 11.91 9.43
N SER A 55 -11.34 11.80 8.15
CA SER A 55 -12.73 11.93 7.73
C SER A 55 -13.57 10.70 8.03
N SER A 56 -12.94 9.55 8.32
CA SER A 56 -13.66 8.32 8.60
C SER A 56 -13.36 7.80 10.01
N LEU A 57 -12.89 8.67 10.90
CA LEU A 57 -12.57 8.23 12.26
C LEU A 57 -13.82 7.80 13.01
N ASP A 58 -14.93 8.49 12.80
CA ASP A 58 -16.18 8.10 13.44
C ASP A 58 -16.65 6.73 12.97
N ARG A 59 -16.51 6.45 11.67
CA ARG A 59 -16.88 5.14 11.14
C ARG A 59 -15.95 4.06 11.68
N LYS A 60 -14.65 4.35 11.78
CA LYS A 60 -13.68 3.31 12.15
C LYS A 60 -13.72 3.01 13.65
N TYR A 61 -13.94 4.02 14.48
CA TYR A 61 -13.80 3.85 15.93
C TYR A 61 -15.10 4.10 16.67
N LEU A 62 -16.20 3.51 16.20
CA LEU A 62 -17.48 3.70 16.84
C LEU A 62 -17.44 3.27 18.31
N ASP A 63 -18.41 3.76 19.08
CA ASP A 63 -18.38 3.59 20.53
C ASP A 63 -18.56 2.13 20.94
N GLY A 64 -19.58 1.47 20.40
CA GLY A 64 -19.93 0.15 20.87
C GLY A 64 -20.07 -0.91 19.80
N LEU A 65 -19.22 -0.86 18.78
CA LEU A 65 -19.26 -1.84 17.70
C LEU A 65 -18.27 -2.96 17.98
N ASP A 66 -18.58 -4.15 17.46
CA ASP A 66 -17.71 -5.32 17.59
C ASP A 66 -16.80 -5.39 16.37
N VAL A 67 -15.51 -5.20 16.59
CA VAL A 67 -14.54 -5.18 15.51
C VAL A 67 -13.23 -5.79 16.00
N CYS A 68 -12.59 -6.58 15.15
CA CYS A 68 -11.28 -7.14 15.45
C CYS A 68 -10.19 -6.22 14.96
N ARG A 69 -9.24 -5.90 15.84
CA ARG A 69 -8.17 -4.96 15.53
C ARG A 69 -6.84 -5.70 15.50
N PHE A 70 -5.92 -5.19 14.69
CA PHE A 70 -4.64 -5.85 14.42
C PHE A 70 -3.49 -4.91 14.75
N PRO A 71 -3.17 -4.74 16.02
CA PRO A 71 -2.00 -3.95 16.40
C PRO A 71 -0.74 -4.79 16.41
N LEU A 72 0.41 -4.10 16.34
CA LEU A 72 1.68 -4.78 16.43
C LEU A 72 1.85 -5.47 17.77
N LEU A 73 1.45 -4.79 18.85
CA LEU A 73 1.44 -5.36 20.19
C LEU A 73 0.02 -5.36 20.72
N ASP A 74 -0.40 -6.48 21.30
CA ASP A 74 -1.76 -6.58 21.82
C ASP A 74 -1.96 -5.71 23.06
N ALA A 75 -0.88 -5.19 23.66
CA ALA A 75 -1.02 -4.29 24.78
C ALA A 75 -1.50 -2.91 24.34
N LEU A 76 -1.25 -2.54 23.09
CA LEU A 76 -1.72 -1.26 22.59
C LEU A 76 -3.21 -1.32 22.29
N ARG A 77 -3.97 -0.38 22.84
CA ARG A 77 -5.40 -0.31 22.65
C ARG A 77 -5.79 1.10 22.23
N PRO A 78 -6.84 1.25 21.43
CA PRO A 78 -7.29 2.59 21.03
C PRO A 78 -8.07 3.25 22.15
N LEU A 79 -8.18 4.57 22.02
CA LEU A 79 -8.93 5.42 22.94
C LEU A 79 -10.35 5.63 22.43
N PRO A 80 -11.23 6.20 23.24
CA PRO A 80 -12.56 6.59 22.73
C PRO A 80 -12.44 7.57 21.57
N LEU A 81 -13.58 7.79 20.92
CA LEU A 81 -13.58 8.58 19.68
C LEU A 81 -13.10 10.01 19.90
N ASP A 82 -13.52 10.63 21.02
CA ASP A 82 -13.13 12.01 21.28
C ASP A 82 -11.62 12.15 21.46
N TRP A 83 -11.00 11.21 22.16
CA TRP A 83 -9.55 11.28 22.35
C TRP A 83 -8.79 10.99 21.07
N MET A 84 -9.32 10.11 20.22
CA MET A 84 -8.71 9.91 18.90
C MET A 84 -8.77 11.19 18.08
N TYR A 85 -9.90 11.89 18.14
CA TYR A 85 -10.01 13.18 17.44
C TYR A 85 -9.02 14.19 18.00
N LEU A 86 -8.84 14.19 19.33
CA LEU A 86 -7.86 15.09 19.93
C LEU A 86 -6.44 14.77 19.46
N VAL A 87 -6.11 13.48 19.36
CA VAL A 87 -4.78 13.08 18.89
C VAL A 87 -4.57 13.53 17.46
N TYR A 88 -5.59 13.38 16.61
CA TYR A 88 -5.48 13.84 15.23
C TYR A 88 -5.33 15.36 15.16
N THR A 89 -6.03 16.08 16.04
CA THR A 89 -5.88 17.54 16.08
C THR A 89 -4.45 17.93 16.45
N ILE A 90 -3.87 17.23 17.43
CA ILE A 90 -2.49 17.51 17.82
C ILE A 90 -1.54 17.22 16.66
N MET A 91 -1.78 16.13 15.93
CA MET A 91 -0.95 15.82 14.76
C MET A 91 -1.04 16.92 13.72
N PHE A 92 -2.26 17.42 13.44
CA PHE A 92 -2.43 18.49 12.47
C PHE A 92 -1.71 19.75 12.91
N LEU A 93 -1.81 20.11 14.18
CA LEU A 93 -1.11 21.29 14.69
C LEU A 93 0.39 21.13 14.57
N GLY A 94 0.91 19.94 14.88
CA GLY A 94 2.34 19.71 14.73
C GLY A 94 2.80 19.85 13.30
N ALA A 95 2.03 19.32 12.34
CA ALA A 95 2.39 19.46 10.94
C ALA A 95 2.37 20.92 10.50
N LEU A 96 1.36 21.68 10.96
CA LEU A 96 1.29 23.10 10.62
C LEU A 96 2.50 23.86 11.17
N GLY A 97 2.87 23.57 12.43
CA GLY A 97 4.04 24.22 13.00
C GLY A 97 5.33 23.83 12.30
N MET A 98 5.43 22.57 11.87
CA MET A 98 6.60 22.14 11.11
C MET A 98 6.70 22.86 9.78
N MET A 99 5.56 23.04 9.10
CA MET A 99 5.57 23.77 7.83
C MET A 99 5.97 25.22 8.03
N LEU A 100 5.34 25.89 8.99
CA LEU A 100 5.57 27.32 9.17
C LEU A 100 6.91 27.65 9.80
N GLY A 101 7.56 26.69 10.45
CA GLY A 101 8.81 26.96 11.12
C GLY A 101 8.68 27.62 12.48
N LEU A 102 7.45 27.77 12.98
CA LEU A 102 7.21 28.38 14.29
C LEU A 102 7.22 27.29 15.36
N CYS A 103 8.08 27.46 16.36
CA CYS A 103 8.28 26.45 17.41
C CYS A 103 8.64 25.10 16.79
N TYR A 104 9.81 25.07 16.17
CA TYR A 104 10.19 23.95 15.32
C TYR A 104 10.25 22.64 16.10
N ARG A 105 10.95 22.62 17.23
CA ARG A 105 11.14 21.36 17.96
C ARG A 105 9.84 20.85 18.55
N ILE A 106 9.05 21.73 19.16
CA ILE A 106 7.79 21.33 19.76
C ILE A 106 6.84 20.79 18.70
N SER A 107 6.74 21.49 17.57
CA SER A 107 5.87 21.03 16.49
C SER A 107 6.36 19.69 15.92
N CYS A 108 7.67 19.53 15.79
CA CYS A 108 8.22 18.28 15.27
C CYS A 108 7.85 17.11 16.17
N VAL A 109 8.01 17.28 17.48
CA VAL A 109 7.66 16.21 18.41
C VAL A 109 6.16 15.96 18.43
N LEU A 110 5.36 17.04 18.38
CA LEU A 110 3.91 16.91 18.39
C LEU A 110 3.38 16.23 17.13
N PHE A 111 4.13 16.31 16.02
CA PHE A 111 3.74 15.54 14.86
C PHE A 111 4.27 14.12 14.93
N LEU A 112 5.46 13.93 15.51
CA LEU A 112 6.10 12.63 15.48
C LEU A 112 5.40 11.61 16.38
N LEU A 113 5.01 12.02 17.60
CA LEU A 113 4.52 11.04 18.56
C LEU A 113 3.17 10.45 18.14
N PRO A 114 2.10 11.24 17.96
CA PRO A 114 0.82 10.63 17.56
C PRO A 114 0.87 9.93 16.22
N TYR A 115 1.72 10.39 15.29
CA TYR A 115 1.82 9.71 14.01
C TYR A 115 2.30 8.27 14.18
N TRP A 116 3.34 8.07 14.98
CA TRP A 116 3.85 6.73 15.20
C TRP A 116 2.89 5.90 16.05
N TYR A 117 2.17 6.54 16.98
CA TYR A 117 1.13 5.82 17.71
C TYR A 117 0.07 5.26 16.76
N VAL A 118 -0.44 6.11 15.86
CA VAL A 118 -1.45 5.68 14.91
C VAL A 118 -0.90 4.63 13.96
N PHE A 119 0.35 4.79 13.53
CA PHE A 119 0.98 3.82 12.64
C PHE A 119 1.06 2.44 13.29
N LEU A 120 1.53 2.38 14.54
CA LEU A 120 1.67 1.11 15.23
C LEU A 120 0.33 0.54 15.69
N LEU A 121 -0.72 1.35 15.75
CA LEU A 121 -2.01 0.86 16.20
C LEU A 121 -2.64 -0.14 15.25
N ASP A 122 -2.15 -0.27 14.03
CA ASP A 122 -2.79 -1.10 13.03
C ASP A 122 -1.74 -1.62 12.05
N LYS A 123 -1.70 -2.94 11.86
CA LYS A 123 -0.76 -3.56 10.94
C LYS A 123 -1.33 -3.72 9.54
N THR A 124 -2.62 -3.46 9.34
CA THR A 124 -3.25 -3.63 8.04
C THR A 124 -3.24 -2.36 7.20
N SER A 125 -2.63 -1.28 7.69
CA SER A 125 -2.54 -0.03 6.95
C SER A 125 -1.10 0.35 6.66
N TRP A 126 -0.18 -0.61 6.73
CA TRP A 126 1.23 -0.33 6.51
C TRP A 126 1.54 -0.37 5.02
N ASN A 127 2.24 0.65 4.54
CA ASN A 127 2.80 0.66 3.20
C ASN A 127 4.15 1.36 3.25
N ASN A 128 4.74 1.61 2.09
CA ASN A 128 6.08 2.16 2.06
C ASN A 128 6.11 3.68 2.24
N HIS A 129 5.11 4.40 1.72
CA HIS A 129 5.16 5.85 1.86
C HIS A 129 4.83 6.32 3.26
N SER A 130 3.97 5.61 4.00
CA SER A 130 3.74 5.96 5.40
C SER A 130 5.01 5.76 6.22
N TYR A 131 5.72 4.66 5.97
CA TYR A 131 6.99 4.41 6.63
C TYR A 131 8.00 5.51 6.29
N LEU A 132 8.02 5.93 5.02
CA LEU A 132 8.91 7.01 4.62
C LEU A 132 8.58 8.31 5.32
N TYR A 133 7.28 8.62 5.45
CA TYR A 133 6.89 9.86 6.13
C TYR A 133 7.32 9.83 7.60
N GLY A 134 7.13 8.69 8.26
CA GLY A 134 7.58 8.58 9.64
C GLY A 134 9.09 8.76 9.76
N LEU A 135 9.86 8.13 8.88
CA LEU A 135 11.31 8.26 8.92
C LEU A 135 11.73 9.71 8.67
N LEU A 136 11.09 10.38 7.72
CA LEU A 136 11.43 11.76 7.41
C LEU A 136 11.14 12.69 8.58
N ALA A 137 10.00 12.49 9.25
CA ALA A 137 9.69 13.30 10.42
C ALA A 137 10.71 13.05 11.53
N PHE A 138 11.09 11.78 11.73
CA PHE A 138 12.10 11.46 12.74
C PHE A 138 13.42 12.16 12.43
N GLN A 139 13.82 12.16 11.16
CA GLN A 139 15.08 12.83 10.79
C GLN A 139 14.98 14.33 10.98
N LEU A 140 13.88 14.95 10.53
CA LEU A 140 13.75 16.39 10.62
C LEU A 140 13.62 16.88 12.05
N THR A 141 13.23 16.01 12.98
CA THR A 141 13.17 16.42 14.38
C THR A 141 14.54 16.86 14.90
N PHE A 142 15.63 16.30 14.38
CA PHE A 142 16.97 16.53 14.90
C PHE A 142 17.79 17.50 14.03
N MET A 143 17.14 18.21 13.12
CA MET A 143 17.84 19.06 12.16
C MET A 143 17.47 20.52 12.38
N ASP A 144 18.37 21.41 11.96
CA ASP A 144 18.14 22.85 12.04
C ASP A 144 17.65 23.34 10.68
N ALA A 145 16.34 23.18 10.46
CA ALA A 145 15.71 23.56 9.21
C ALA A 145 14.93 24.86 9.32
N ASN A 146 15.00 25.56 10.46
CA ASN A 146 14.30 26.81 10.65
C ASN A 146 15.23 28.02 10.56
N HIS A 147 16.44 27.83 10.02
CA HIS A 147 17.42 28.90 9.91
C HIS A 147 17.21 29.79 8.70
N TYR A 148 16.22 29.50 7.86
CA TYR A 148 15.97 30.27 6.66
C TYR A 148 14.52 30.02 6.25
N TRP A 149 13.90 31.05 5.66
CA TRP A 149 12.52 30.96 5.17
C TRP A 149 11.59 30.42 6.27
N SER A 150 11.69 31.01 7.46
CA SER A 150 10.89 30.56 8.59
C SER A 150 10.20 31.72 9.30
N VAL A 151 9.54 31.43 10.41
CA VAL A 151 8.86 32.46 11.19
C VAL A 151 9.60 32.63 12.51
N ASP A 152 10.24 31.56 12.99
CA ASP A 152 11.07 31.66 14.19
C ASP A 152 12.22 32.63 13.98
N GLY A 153 12.85 32.58 12.80
CA GLY A 153 13.93 33.51 12.48
C GLY A 153 13.46 34.93 12.27
N LEU A 154 12.18 35.12 11.95
CA LEU A 154 11.59 36.45 11.79
C LEU A 154 11.17 37.05 13.13
N LEU A 155 11.15 36.25 14.18
CA LEU A 155 10.91 36.74 15.54
C LEU A 155 12.23 36.77 16.31
N ASN A 156 13.15 35.88 15.94
CA ASN A 156 14.47 35.85 16.56
C ASN A 156 15.47 36.63 15.71
N ALA A 157 16.76 36.53 16.05
CA ALA A 157 17.79 37.24 15.30
C ALA A 157 18.93 36.30 14.92
N HIS A 158 19.08 35.20 15.66
CA HIS A 158 20.16 34.26 15.39
C HIS A 158 19.75 33.15 14.43
N ARG A 159 18.46 32.87 14.30
CA ARG A 159 17.97 31.90 13.33
C ARG A 159 17.67 32.52 11.97
N ARG A 160 18.28 33.67 11.67
CA ARG A 160 18.10 34.36 10.40
C ARG A 160 19.34 34.13 9.55
N ASN A 161 19.26 33.14 8.66
CA ASN A 161 20.34 32.83 7.72
C ASN A 161 21.64 32.51 8.45
N ALA A 162 21.59 31.45 9.24
CA ALA A 162 22.73 30.91 9.96
C ALA A 162 23.29 29.73 9.15
N HIS A 163 24.24 29.01 9.76
CA HIS A 163 24.87 27.87 9.12
C HIS A 163 24.51 26.59 9.85
N VAL A 164 24.48 25.49 9.09
CA VAL A 164 24.07 24.19 9.61
C VAL A 164 25.21 23.21 9.37
N PRO A 165 25.31 22.17 10.20
CA PRO A 165 26.34 21.16 9.98
C PRO A 165 26.10 20.37 8.71
N LEU A 166 27.17 19.71 8.25
CA LEU A 166 27.12 19.03 6.95
C LEU A 166 26.21 17.81 6.99
N TRP A 167 26.17 17.10 8.12
CA TRP A 167 25.46 15.82 8.15
C TRP A 167 23.96 15.97 7.95
N ASN A 168 23.40 17.18 8.07
CA ASN A 168 21.98 17.37 7.83
C ASN A 168 21.62 16.99 6.39
N TYR A 169 22.44 17.40 5.43
CA TYR A 169 22.21 17.01 4.05
C TYR A 169 22.63 15.57 3.78
N ALA A 170 23.68 15.11 4.48
CA ALA A 170 24.17 13.75 4.25
C ALA A 170 23.11 12.72 4.62
N VAL A 171 22.41 12.92 5.74
CA VAL A 171 21.41 11.95 6.18
C VAL A 171 20.26 11.86 5.16
N LEU A 172 19.76 12.99 4.70
CA LEU A 172 18.65 12.96 3.75
C LEU A 172 19.07 12.37 2.41
N ARG A 173 20.25 12.75 1.92
CA ARG A 173 20.74 12.19 0.65
C ARG A 173 20.93 10.68 0.78
N GLY A 174 21.48 10.23 1.91
CA GLY A 174 21.64 8.81 2.11
C GLY A 174 20.32 8.08 2.17
N GLN A 175 19.32 8.67 2.84
CA GLN A 175 18.02 8.03 2.91
C GLN A 175 17.42 7.84 1.52
N ILE A 176 17.48 8.88 0.69
CA ILE A 176 16.92 8.76 -0.65
C ILE A 176 17.70 7.72 -1.46
N PHE A 177 19.03 7.71 -1.31
CA PHE A 177 19.84 6.76 -2.06
C PHE A 177 19.54 5.32 -1.66
N ILE A 178 19.40 5.06 -0.35
CA ILE A 178 19.03 3.71 0.09
C ILE A 178 17.65 3.34 -0.42
N VAL A 179 16.70 4.28 -0.41
CA VAL A 179 15.37 3.97 -0.93
C VAL A 179 15.48 3.49 -2.37
N TYR A 180 16.18 4.26 -3.22
CA TYR A 180 16.27 3.91 -4.64
C TYR A 180 17.02 2.60 -4.84
N PHE A 181 18.18 2.45 -4.19
CA PHE A 181 19.02 1.28 -4.42
C PHE A 181 18.37 0.01 -3.90
N ILE A 182 17.75 0.06 -2.71
CA ILE A 182 17.10 -1.12 -2.15
C ILE A 182 15.89 -1.50 -3.00
N ALA A 183 15.13 -0.52 -3.49
CA ALA A 183 14.03 -0.85 -4.38
C ALA A 183 14.54 -1.54 -5.65
N GLY A 184 15.63 -1.01 -6.22
CA GLY A 184 16.18 -1.63 -7.42
C GLY A 184 16.67 -3.04 -7.19
N VAL A 185 17.32 -3.28 -6.05
CA VAL A 185 17.83 -4.62 -5.76
C VAL A 185 16.67 -5.58 -5.49
N LYS A 186 15.64 -5.13 -4.77
CA LYS A 186 14.46 -5.97 -4.57
C LYS A 186 13.76 -6.28 -5.88
N LYS A 187 13.92 -5.42 -6.89
CA LYS A 187 13.31 -5.70 -8.18
C LYS A 187 14.12 -6.70 -9.01
N LEU A 188 15.25 -7.18 -8.51
CA LEU A 188 16.00 -8.23 -9.21
C LEU A 188 15.45 -9.61 -8.86
N ASP A 189 14.16 -9.79 -9.05
CA ASP A 189 13.48 -11.05 -8.78
C ASP A 189 13.16 -11.76 -10.09
N ALA A 190 12.88 -13.05 -9.98
CA ALA A 190 12.54 -13.83 -11.17
C ALA A 190 11.23 -13.36 -11.79
N ASP A 191 10.25 -12.99 -10.96
CA ASP A 191 8.95 -12.58 -11.47
C ASP A 191 8.99 -11.19 -12.09
N TRP A 192 10.02 -10.40 -11.80
CA TRP A 192 10.11 -9.06 -12.36
C TRP A 192 10.90 -9.03 -13.65
N VAL A 193 12.09 -9.65 -13.66
CA VAL A 193 12.94 -9.62 -14.84
C VAL A 193 12.32 -10.39 -16.00
N GLU A 194 11.35 -11.27 -15.71
CA GLU A 194 10.66 -12.02 -16.75
C GLU A 194 9.32 -11.40 -17.11
N GLY A 195 9.02 -10.20 -16.61
CA GLY A 195 7.81 -9.48 -16.98
C GLY A 195 6.51 -10.11 -16.54
N TYR A 196 6.43 -10.59 -15.31
CA TYR A 196 5.21 -11.21 -14.80
C TYR A 196 4.46 -10.35 -13.81
N SER A 197 5.13 -9.43 -13.11
CA SER A 197 4.47 -8.70 -12.03
C SER A 197 3.41 -7.74 -12.57
N MET A 198 3.76 -6.94 -13.58
CA MET A 198 2.86 -5.94 -14.15
C MET A 198 2.78 -6.18 -15.66
N GLU A 199 1.88 -7.07 -16.06
CA GLU A 199 1.70 -7.38 -17.47
C GLU A 199 0.54 -6.62 -18.12
N TYR A 200 -0.16 -5.76 -17.37
CA TYR A 200 -1.27 -5.01 -17.90
C TYR A 200 -1.05 -3.50 -17.87
N LEU A 201 0.04 -3.02 -17.25
CA LEU A 201 0.26 -1.59 -17.14
C LEU A 201 0.61 -0.95 -18.47
N SER A 202 1.08 -1.74 -19.45
CA SER A 202 1.50 -1.19 -20.73
C SER A 202 0.34 -0.86 -21.66
N ARG A 203 -0.89 -1.23 -21.29
CA ARG A 203 -2.05 -0.92 -22.12
C ARG A 203 -2.58 0.48 -21.89
N HIS A 204 -2.03 1.22 -20.94
CA HIS A 204 -2.50 2.58 -20.67
C HIS A 204 -2.13 3.51 -21.83
N TRP A 205 -2.92 4.57 -21.99
CA TRP A 205 -2.69 5.51 -23.08
C TRP A 205 -1.45 6.37 -22.87
N LEU A 206 -0.84 6.34 -21.67
CA LEU A 206 0.40 7.06 -21.45
C LEU A 206 1.60 6.38 -22.08
N PHE A 207 1.46 5.12 -22.52
CA PHE A 207 2.51 4.40 -23.19
C PHE A 207 2.34 4.36 -24.71
N SER A 208 1.44 5.19 -25.24
CA SER A 208 1.21 5.21 -26.68
C SER A 208 2.45 5.53 -27.50
N PRO A 209 3.27 6.53 -27.16
CA PRO A 209 4.46 6.79 -28.00
C PRO A 209 5.40 5.60 -28.12
N PHE A 210 5.50 4.77 -27.08
CA PHE A 210 6.38 3.62 -27.14
C PHE A 210 5.83 2.53 -28.08
N LYS A 211 4.52 2.51 -28.27
CA LYS A 211 3.91 1.51 -29.15
C LYS A 211 4.13 1.80 -30.63
N LEU A 212 4.60 3.00 -30.98
CA LEU A 212 4.83 3.34 -32.37
C LEU A 212 5.94 2.47 -32.97
N LEU A 213 6.99 2.19 -32.21
CA LEU A 213 8.14 1.45 -32.69
C LEU A 213 8.33 0.11 -32.01
N LEU A 214 7.50 -0.22 -31.01
CA LEU A 214 7.65 -1.47 -30.27
C LEU A 214 6.31 -2.18 -30.18
N SER A 215 6.37 -3.51 -30.11
CA SER A 215 5.17 -4.32 -29.95
C SER A 215 4.66 -4.25 -28.52
N GLU A 216 3.44 -4.73 -28.31
CA GLU A 216 2.82 -4.65 -26.99
C GLU A 216 3.60 -5.46 -25.96
N GLU A 217 3.96 -6.71 -26.31
CA GLU A 217 4.77 -7.51 -25.40
C GLU A 217 6.14 -6.89 -25.20
N LEU A 218 6.75 -6.40 -26.27
CA LEU A 218 8.06 -5.78 -26.16
C LEU A 218 8.01 -4.50 -25.34
N THR A 219 6.95 -3.70 -25.52
CA THR A 219 6.84 -2.47 -24.73
C THR A 219 6.43 -2.75 -23.29
N SER A 220 5.87 -3.94 -23.00
CA SER A 220 5.53 -4.27 -21.62
C SER A 220 6.71 -4.91 -20.90
N LEU A 221 7.60 -5.58 -21.64
CA LEU A 221 8.77 -6.18 -21.00
C LEU A 221 9.96 -5.22 -20.93
N LEU A 222 10.25 -4.53 -22.03
CA LEU A 222 11.40 -3.64 -22.11
C LEU A 222 11.25 -2.35 -21.31
N VAL A 223 10.09 -1.73 -21.36
CA VAL A 223 9.89 -0.39 -20.80
C VAL A 223 9.47 -0.45 -19.35
N VAL A 224 8.38 -1.18 -19.05
CA VAL A 224 7.83 -1.18 -17.71
C VAL A 224 8.76 -1.91 -16.74
N HIS A 225 9.34 -3.03 -17.17
CA HIS A 225 10.10 -3.89 -16.26
C HIS A 225 11.59 -3.57 -16.25
N TRP A 226 12.26 -3.75 -17.38
CA TRP A 226 13.70 -3.54 -17.43
C TRP A 226 14.05 -2.06 -17.30
N GLY A 227 13.27 -1.18 -17.94
CA GLY A 227 13.51 0.25 -17.79
C GLY A 227 13.31 0.71 -16.36
N GLY A 228 12.25 0.22 -15.71
CA GLY A 228 12.03 0.57 -14.31
C GLY A 228 13.15 0.07 -13.41
N LEU A 229 13.61 -1.16 -13.64
CA LEU A 229 14.73 -1.69 -12.86
C LEU A 229 15.99 -0.84 -13.05
N LEU A 230 16.29 -0.49 -14.30
CA LEU A 230 17.49 0.31 -14.57
C LEU A 230 17.39 1.69 -13.92
N LEU A 231 16.24 2.33 -14.02
CA LEU A 231 16.09 3.64 -13.40
C LEU A 231 16.20 3.55 -11.89
N ASP A 232 15.59 2.54 -11.29
CA ASP A 232 15.71 2.36 -9.84
C ASP A 232 17.16 2.15 -9.43
N LEU A 233 17.91 1.38 -10.23
CA LEU A 233 19.30 1.09 -9.86
C LEU A 233 20.22 2.29 -10.08
N SER A 234 19.90 3.16 -11.04
CA SER A 234 20.84 4.20 -11.45
C SER A 234 20.42 5.62 -11.05
N ALA A 235 19.26 5.81 -10.44
CA ALA A 235 18.80 7.16 -10.12
C ALA A 235 19.73 7.85 -9.14
N GLY A 236 20.13 7.15 -8.09
CA GLY A 236 21.00 7.77 -7.09
C GLY A 236 22.37 8.12 -7.65
N PHE A 237 22.95 7.23 -8.43
CA PHE A 237 24.26 7.49 -9.03
C PHE A 237 24.19 8.65 -10.02
N LEU A 238 23.11 8.72 -10.81
CA LEU A 238 22.96 9.83 -11.75
C LEU A 238 22.76 11.15 -11.01
N LEU A 239 22.00 11.15 -9.92
CA LEU A 239 21.70 12.38 -9.22
C LEU A 239 22.88 12.90 -8.40
N PHE A 240 23.70 12.00 -7.85
CA PHE A 240 24.78 12.43 -6.97
C PHE A 240 25.82 13.26 -7.72
N PHE A 241 26.20 12.82 -8.93
CA PHE A 241 27.29 13.45 -9.66
C PHE A 241 26.78 14.65 -10.46
N ASP A 242 27.52 15.75 -10.38
CA ASP A 242 27.12 16.99 -11.05
C ASP A 242 27.23 16.90 -12.56
N VAL A 243 28.04 15.99 -13.08
CA VAL A 243 28.19 15.85 -14.53
C VAL A 243 26.87 15.42 -15.16
N SER A 244 26.20 14.45 -14.56
CA SER A 244 24.96 13.89 -15.07
C SER A 244 23.75 14.27 -14.24
N ARG A 245 23.85 15.37 -13.49
CA ARG A 245 22.77 15.76 -12.58
C ARG A 245 21.51 16.15 -13.36
N SER A 246 21.67 16.89 -14.45
CA SER A 246 20.50 17.36 -15.19
C SER A 246 19.75 16.21 -15.85
N ILE A 247 20.47 15.27 -16.44
CA ILE A 247 19.84 14.13 -17.10
C ILE A 247 19.09 13.27 -16.07
N GLY A 248 19.74 13.00 -14.93
CA GLY A 248 19.08 12.23 -13.89
C GLY A 248 17.87 12.95 -13.33
N LEU A 249 17.96 14.26 -13.16
CA LEU A 249 16.82 15.04 -12.70
C LEU A 249 15.65 14.94 -13.67
N PHE A 250 15.93 15.05 -14.97
CA PHE A 250 14.87 14.93 -15.96
C PHE A 250 14.24 13.54 -15.92
N PHE A 251 15.06 12.49 -15.83
CA PHE A 251 14.52 11.13 -15.81
C PHE A 251 13.66 10.89 -14.58
N VAL A 252 14.14 11.31 -13.40
CA VAL A 252 13.36 11.05 -12.18
C VAL A 252 12.08 11.88 -12.17
N SER A 253 12.15 13.11 -12.68
CA SER A 253 10.93 13.92 -12.78
C SER A 253 9.90 13.28 -13.69
N TYR A 254 10.35 12.80 -14.85
CA TYR A 254 9.43 12.13 -15.78
C TYR A 254 8.84 10.86 -15.15
N PHE A 255 9.68 10.08 -14.47
CA PHE A 255 9.23 8.86 -13.82
C PHE A 255 8.16 9.14 -12.77
N HIS A 256 8.40 10.12 -11.91
CA HIS A 256 7.44 10.41 -10.84
C HIS A 256 6.19 11.06 -11.39
N CYS A 257 6.31 11.87 -12.44
CA CYS A 257 5.11 12.46 -13.06
C CYS A 257 4.22 11.39 -13.66
N MET A 258 4.81 10.36 -14.28
CA MET A 258 3.96 9.27 -14.77
C MET A 258 3.40 8.43 -13.63
N ASN A 259 4.19 8.22 -12.57
CA ASN A 259 3.71 7.41 -11.45
C ASN A 259 2.58 8.08 -10.69
N SER A 260 2.57 9.42 -10.62
CA SER A 260 1.49 10.11 -9.92
C SER A 260 0.13 9.88 -10.60
N GLN A 261 0.14 9.51 -11.89
CA GLN A 261 -1.08 9.28 -12.63
C GLN A 261 -1.39 7.80 -12.85
N LEU A 262 -0.37 6.94 -12.93
CA LEU A 262 -0.63 5.53 -13.17
C LEU A 262 -1.38 4.88 -12.02
N PHE A 263 -0.99 5.20 -10.79
CA PHE A 263 -1.57 4.60 -9.60
C PHE A 263 -2.21 5.69 -8.74
N SER A 264 -2.69 5.29 -7.56
CA SER A 264 -3.20 6.22 -6.55
C SER A 264 -2.46 5.90 -5.25
N ILE A 265 -1.30 6.53 -5.06
CA ILE A 265 -0.44 6.25 -3.92
C ILE A 265 -0.36 7.47 -3.02
N GLY A 266 -1.32 8.37 -3.13
CA GLY A 266 -1.36 9.55 -2.28
C GLY A 266 -0.38 10.64 -2.68
N MET A 267 0.52 11.00 -1.77
CA MET A 267 1.47 12.08 -2.00
C MET A 267 2.89 11.55 -2.11
N PHE A 268 3.05 10.27 -2.46
CA PHE A 268 4.38 9.69 -2.57
C PHE A 268 5.18 10.31 -3.71
N SER A 269 4.56 10.46 -4.88
CA SER A 269 5.24 11.03 -6.03
C SER A 269 5.67 12.47 -5.78
N TYR A 270 4.82 13.26 -5.13
CA TYR A 270 5.17 14.66 -4.87
C TYR A 270 6.30 14.78 -3.86
N VAL A 271 6.30 13.93 -2.83
CA VAL A 271 7.39 13.95 -1.86
C VAL A 271 8.70 13.56 -2.55
N MET A 272 8.68 12.51 -3.39
CA MET A 272 9.88 12.13 -4.12
C MET A 272 10.34 13.24 -5.05
N LEU A 273 9.41 13.92 -5.72
CA LEU A 273 9.77 15.01 -6.62
C LEU A 273 10.41 16.17 -5.86
N ALA A 274 9.83 16.54 -4.71
CA ALA A 274 10.39 17.62 -3.92
C ALA A 274 11.71 17.26 -3.27
N SER A 275 11.98 15.96 -3.07
CA SER A 275 13.24 15.56 -2.47
C SER A 275 14.40 15.50 -3.46
N SER A 276 14.14 15.67 -4.75
CA SER A 276 15.18 15.62 -5.77
C SER A 276 16.10 16.82 -5.76
N PRO A 277 15.61 18.06 -5.61
CA PRO A 277 16.53 19.22 -5.53
C PRO A 277 17.48 19.18 -4.35
N LEU A 278 17.25 18.31 -3.36
CA LEU A 278 18.18 18.17 -2.24
C LEU A 278 19.56 17.73 -2.68
N PHE A 279 19.68 17.08 -3.84
CA PHE A 279 20.97 16.63 -4.36
C PHE A 279 21.74 17.74 -5.06
N CYS A 280 21.11 18.88 -5.31
CA CYS A 280 21.77 20.01 -5.95
C CYS A 280 22.63 20.76 -4.94
N SER A 281 23.13 21.92 -5.36
CA SER A 281 23.91 22.74 -4.46
C SER A 281 23.02 23.28 -3.34
N PRO A 282 23.56 23.44 -2.12
CA PRO A 282 22.75 23.95 -1.01
C PRO A 282 22.25 25.38 -1.21
N GLU A 283 22.76 26.11 -2.19
CA GLU A 283 22.45 27.52 -2.37
C GLU A 283 21.58 27.79 -3.59
N TRP A 284 20.92 26.77 -4.14
CA TRP A 284 20.11 26.99 -5.34
C TRP A 284 18.96 27.98 -5.16
N PRO A 285 18.23 28.02 -4.04
CA PRO A 285 17.17 29.05 -3.93
C PRO A 285 17.72 30.47 -4.01
N ARG A 286 18.92 30.71 -3.51
CA ARG A 286 19.52 32.04 -3.59
C ARG A 286 19.79 32.43 -5.04
N LYS A 287 20.34 31.51 -5.84
CA LYS A 287 20.56 31.80 -7.24
C LYS A 287 19.24 31.99 -7.98
N LEU A 288 18.24 31.17 -7.65
CA LEU A 288 16.93 31.30 -8.29
C LEU A 288 16.30 32.66 -8.00
N VAL A 289 16.40 33.12 -6.76
CA VAL A 289 15.87 34.44 -6.41
C VAL A 289 16.76 35.57 -6.89
N SER A 290 18.01 35.28 -7.26
CA SER A 290 18.83 36.29 -7.92
C SER A 290 18.52 36.41 -9.40
N TYR A 291 18.08 35.32 -10.03
CA TYR A 291 17.84 35.32 -11.47
C TYR A 291 16.51 35.97 -11.86
N CYS A 292 15.61 36.19 -10.91
CA CYS A 292 14.32 36.76 -11.26
C CYS A 292 14.47 38.24 -11.62
N PRO A 293 13.47 38.80 -12.32
CA PRO A 293 13.56 40.23 -12.68
C PRO A 293 13.66 41.11 -11.45
N ARG A 294 14.36 42.24 -11.62
CA ARG A 294 14.66 43.12 -10.49
C ARG A 294 13.42 43.73 -9.86
N ARG A 295 12.30 43.75 -10.58
CA ARG A 295 11.07 44.33 -10.04
C ARG A 295 10.48 43.52 -8.90
N LEU A 296 10.92 42.28 -8.70
CA LEU A 296 10.44 41.43 -7.61
C LEU A 296 11.56 41.05 -6.64
N GLN A 297 12.71 41.70 -6.73
CA GLN A 297 13.85 41.40 -5.87
C GLN A 297 13.89 42.28 -4.63
N GLN A 298 12.95 43.20 -4.46
CA GLN A 298 12.95 44.13 -3.34
C GLN A 298 11.90 43.78 -2.29
N LEU A 299 11.08 42.76 -2.51
CA LEU A 299 10.07 42.35 -1.53
C LEU A 299 10.50 41.14 -0.72
N LEU A 300 11.26 40.22 -1.31
CA LEU A 300 11.74 39.06 -0.59
C LEU A 300 12.84 39.47 0.38
N PRO A 301 13.11 38.64 1.39
CA PRO A 301 14.19 38.96 2.34
C PRO A 301 15.52 39.17 1.63
N LEU A 302 16.29 40.13 2.13
CA LEU A 302 17.54 40.52 1.48
C LEU A 302 18.53 39.37 1.48
N LYS A 303 19.26 39.24 0.37
CA LYS A 303 20.30 38.22 0.23
C LYS A 303 21.62 38.79 0.72
N ALA A 304 22.10 38.30 1.86
CA ALA A 304 23.34 38.77 2.46
C ALA A 304 24.17 37.58 2.90
N ALA A 305 25.36 37.86 3.41
CA ALA A 305 26.24 36.80 3.88
C ALA A 305 25.67 36.15 5.13
N PRO A 306 25.62 34.83 5.20
CA PRO A 306 25.09 34.17 6.41
C PRO A 306 25.95 34.45 7.64
N GLN A 307 25.27 34.53 8.79
CA GLN A 307 25.95 34.79 10.04
C GLN A 307 26.43 33.48 10.67
N PRO A 308 27.47 33.53 11.51
CA PRO A 308 27.95 32.31 12.16
C PRO A 308 26.92 31.73 13.12
N SER A 309 26.99 30.40 13.28
CA SER A 309 26.08 29.67 14.14
C SER A 309 26.86 28.72 15.02
N VAL A 310 26.24 28.34 16.14
CA VAL A 310 26.90 27.50 17.13
C VAL A 310 26.74 26.01 16.84
N SER A 311 25.74 25.62 16.04
CA SER A 311 25.51 24.21 15.77
C SER A 311 26.69 23.56 15.07
N CYS A 312 27.27 24.23 14.09
CA CYS A 312 28.38 23.69 13.32
C CYS A 312 29.71 24.10 13.94
N VAL A 313 30.80 23.79 13.23
CA VAL A 313 32.15 24.13 13.67
C VAL A 313 32.85 24.83 12.51
N TYR A 314 33.86 25.63 12.85
CA TYR A 314 34.63 26.40 11.88
C TYR A 314 36.10 26.03 12.01
N LYS A 315 36.66 25.44 10.96
CA LYS A 315 38.08 25.08 10.89
C LYS A 315 38.74 25.96 9.84
N ARG A 316 39.59 26.88 10.28
CA ARG A 316 40.30 27.78 9.40
C ARG A 316 41.81 27.66 9.64
N SER A 317 42.59 28.04 8.62
CA SER A 317 44.03 28.01 8.73
C SER A 317 44.59 29.27 9.39
N ARG A 318 43.89 30.39 9.31
CA ARG A 318 44.28 31.64 9.95
C ARG A 318 43.32 32.06 11.05
N GLY A 319 42.02 31.78 10.89
CA GLY A 319 41.03 32.05 11.91
C GLY A 319 41.05 30.97 12.98
N LYS A 320 42.03 31.06 13.88
CA LYS A 320 42.33 30.13 14.98
C LYS A 320 42.58 28.72 14.47
N SER A 321 42.99 27.81 15.36
CA SER A 321 43.50 26.51 14.95
C SER A 321 42.43 25.42 15.00
N GLY A 322 41.86 25.17 16.18
CA GLY A 322 40.88 24.10 16.30
C GLY A 322 40.08 24.15 17.58
N GLN A 323 38.79 23.82 17.46
CA GLN A 323 37.88 23.73 18.59
C GLN A 323 37.64 22.26 18.89
N LYS A 324 37.90 21.85 20.12
CA LYS A 324 37.73 20.45 20.49
C LYS A 324 36.26 20.09 20.44
N PRO A 325 35.88 19.04 19.71
CA PRO A 325 34.47 18.66 19.64
C PRO A 325 33.93 18.30 21.01
N GLY A 326 32.68 18.68 21.27
CA GLY A 326 32.01 18.43 22.52
C GLY A 326 31.11 17.21 22.45
N LEU A 327 30.00 17.27 23.18
CA LEU A 327 29.00 16.22 23.19
C LEU A 327 27.87 16.46 22.19
N ARG A 328 28.02 17.49 21.34
CA ARG A 328 27.00 17.78 20.33
C ARG A 328 27.55 17.50 18.95
N HIS A 329 28.86 17.70 18.75
CA HIS A 329 29.48 17.45 17.46
C HIS A 329 29.66 15.97 17.17
N GLN A 330 30.16 15.19 18.14
CA GLN A 330 30.35 13.77 17.91
C GLN A 330 29.03 13.02 17.84
N LEU A 331 28.01 13.52 18.54
CA LEU A 331 26.70 12.87 18.52
C LEU A 331 26.09 12.89 17.11
N GLY A 332 26.31 13.99 16.37
CA GLY A 332 25.81 14.04 15.01
C GLY A 332 26.43 12.97 14.12
N ALA A 333 27.76 12.81 14.19
CA ALA A 333 28.42 11.78 13.40
C ALA A 333 27.97 10.38 13.82
N ALA A 334 27.86 10.14 15.12
CA ALA A 334 27.42 8.83 15.59
C ALA A 334 26.00 8.53 15.12
N PHE A 335 25.11 9.51 15.21
CA PHE A 335 23.74 9.31 14.75
C PHE A 335 23.69 9.04 13.26
N THR A 336 24.46 9.79 12.47
CA THR A 336 24.48 9.56 11.03
C THR A 336 24.91 8.13 10.71
N LEU A 337 26.04 7.70 11.29
CA LEU A 337 26.58 6.39 10.96
C LEU A 337 25.62 5.27 11.41
N LEU A 338 25.14 5.34 12.65
CA LEU A 338 24.26 4.31 13.17
C LEU A 338 22.93 4.26 12.41
N TYR A 339 22.37 5.43 12.10
CA TYR A 339 21.11 5.47 11.37
C TYR A 339 21.26 4.89 9.97
N LEU A 340 22.37 5.19 9.30
CA LEU A 340 22.57 4.63 7.97
C LEU A 340 22.79 3.12 8.03
N LEU A 341 23.52 2.62 9.03
CA LEU A 341 23.64 1.17 9.20
C LEU A 341 22.29 0.52 9.43
N GLU A 342 21.46 1.12 10.30
CA GLU A 342 20.15 0.54 10.58
C GLU A 342 19.27 0.53 9.35
N GLN A 343 19.28 1.62 8.58
CA GLN A 343 18.46 1.68 7.36
C GLN A 343 18.95 0.70 6.31
N LEU A 344 20.26 0.43 6.26
CA LEU A 344 20.78 -0.54 5.30
C LEU A 344 20.50 -1.97 5.73
N PHE A 345 20.43 -2.23 7.04
CA PHE A 345 20.29 -3.60 7.53
C PHE A 345 18.83 -4.03 7.70
N LEU A 346 17.93 -3.11 8.03
CA LEU A 346 16.56 -3.51 8.34
C LEU A 346 15.84 -4.22 7.19
N PRO A 347 15.93 -3.80 5.93
CA PRO A 347 15.22 -4.53 4.87
C PRO A 347 15.69 -5.97 4.69
N TYR A 348 16.86 -6.32 5.20
CA TYR A 348 17.40 -7.67 5.06
C TYR A 348 17.47 -8.38 6.41
N SER A 349 16.54 -8.05 7.32
CA SER A 349 16.51 -8.65 8.65
C SER A 349 15.42 -9.71 8.77
N HIS A 350 15.06 -10.36 7.67
CA HIS A 350 13.98 -11.34 7.69
C HIS A 350 14.43 -12.72 8.14
N PHE A 351 15.74 -12.94 8.33
CA PHE A 351 16.21 -14.22 8.84
C PHE A 351 16.15 -14.30 10.36
N LEU A 352 15.78 -13.22 11.04
CA LEU A 352 15.65 -13.22 12.50
C LEU A 352 14.21 -13.34 12.96
N THR A 353 13.28 -12.62 12.33
CA THR A 353 11.86 -12.69 12.66
C THR A 353 11.21 -13.70 11.71
N GLN A 354 11.44 -14.98 12.00
CA GLN A 354 10.97 -16.06 11.15
C GLN A 354 9.47 -16.30 11.26
N GLY A 355 8.83 -15.83 12.33
CA GLY A 355 7.40 -16.00 12.49
C GLY A 355 6.56 -15.09 11.61
N TYR A 356 7.18 -14.10 10.98
CA TYR A 356 6.50 -13.20 10.06
C TYR A 356 6.75 -13.57 8.60
N ASN A 357 7.35 -14.74 8.35
CA ASN A 357 7.74 -15.15 7.01
C ASN A 357 6.68 -16.10 6.45
N ASN A 358 5.82 -15.56 5.61
CA ASN A 358 4.89 -16.33 4.79
C ASN A 358 5.55 -16.61 3.44
N TRP A 359 4.77 -16.94 2.42
CA TRP A 359 5.24 -17.02 1.05
C TRP A 359 6.17 -15.86 0.72
N THR A 360 5.81 -14.65 1.13
CA THR A 360 6.65 -13.47 1.00
C THR A 360 7.29 -13.15 2.34
N ASN A 361 8.55 -12.73 2.29
CA ASN A 361 9.35 -12.53 3.50
C ASN A 361 8.87 -11.31 4.26
N GLY A 362 8.59 -11.51 5.55
CA GLY A 362 8.39 -10.40 6.48
C GLY A 362 7.05 -9.73 6.34
N LEU A 363 6.79 -8.82 7.28
CA LEU A 363 5.60 -7.98 7.25
C LEU A 363 5.76 -6.92 6.16
N TYR A 364 4.67 -6.63 5.46
CA TYR A 364 4.73 -5.66 4.38
C TYR A 364 4.76 -4.24 4.93
N GLY A 365 5.67 -3.42 4.40
CA GLY A 365 5.68 -2.02 4.75
C GLY A 365 7.04 -1.37 4.91
N TYR A 366 8.10 -2.16 5.06
CA TYR A 366 9.39 -1.57 5.36
C TYR A 366 10.56 -2.22 4.59
N SER A 367 10.29 -2.84 3.43
CA SER A 367 11.34 -3.52 2.68
C SER A 367 11.59 -2.90 1.31
N TRP A 368 10.87 -1.84 0.95
CA TRP A 368 11.05 -1.13 -0.32
C TRP A 368 10.89 -2.07 -1.52
N ASP A 369 9.83 -2.87 -1.49
CA ASP A 369 9.46 -3.74 -2.63
C ASP A 369 8.04 -3.40 -3.04
N MET A 370 7.91 -2.63 -4.12
CA MET A 370 6.62 -2.13 -4.59
C MET A 370 6.23 -2.87 -5.88
N MET A 371 4.97 -3.30 -5.93
CA MET A 371 4.36 -3.94 -7.10
C MET A 371 5.02 -5.26 -7.49
N VAL A 372 5.97 -5.75 -6.68
CA VAL A 372 6.71 -6.95 -7.06
C VAL A 372 5.82 -8.17 -7.07
N HIS A 373 4.99 -8.35 -6.04
CA HIS A 373 4.13 -9.51 -5.90
C HIS A 373 2.67 -9.10 -5.97
N SER A 374 1.88 -9.87 -6.71
CA SER A 374 0.45 -9.64 -6.86
C SER A 374 -0.31 -10.88 -6.41
N ARG A 375 -1.43 -10.68 -5.72
CA ARG A 375 -2.21 -11.76 -5.15
C ARG A 375 -3.63 -11.70 -5.67
N SER A 376 -4.18 -12.87 -5.99
CA SER A 376 -5.58 -13.01 -6.39
C SER A 376 -6.20 -14.13 -5.57
N HIS A 377 -7.28 -13.84 -4.86
CA HIS A 377 -7.90 -14.79 -3.96
C HIS A 377 -9.13 -15.40 -4.62
N GLN A 378 -9.31 -16.71 -4.43
CA GLN A 378 -10.41 -17.44 -5.04
C GLN A 378 -11.53 -17.79 -4.07
N HIS A 379 -11.21 -18.27 -2.88
CA HIS A 379 -12.24 -18.73 -1.94
C HIS A 379 -11.70 -18.69 -0.53
N VAL A 380 -12.56 -18.30 0.42
CA VAL A 380 -12.24 -18.33 1.84
C VAL A 380 -13.41 -19.00 2.56
N LYS A 381 -13.10 -19.98 3.40
CA LYS A 381 -14.10 -20.68 4.20
C LYS A 381 -13.67 -20.70 5.65
N ILE A 382 -14.56 -20.28 6.54
CA ILE A 382 -14.32 -20.32 7.98
C ILE A 382 -15.31 -21.28 8.61
N THR A 383 -14.79 -22.28 9.32
CA THR A 383 -15.61 -23.32 9.94
C THR A 383 -15.28 -23.41 11.42
N TYR A 384 -16.32 -23.33 12.26
CA TYR A 384 -16.16 -23.45 13.69
C TYR A 384 -16.89 -24.68 14.19
N ARG A 385 -16.34 -25.30 15.25
CA ARG A 385 -16.95 -26.45 15.90
C ARG A 385 -17.33 -26.08 17.32
N ASP A 386 -18.58 -26.30 17.68
CA ASP A 386 -19.04 -25.99 19.03
C ASP A 386 -18.39 -26.92 20.04
N GLY A 387 -17.86 -26.34 21.11
CA GLY A 387 -17.17 -27.14 22.11
C GLY A 387 -18.06 -27.80 23.15
N ARG A 388 -19.36 -27.48 23.14
CA ARG A 388 -20.30 -28.05 24.10
C ARG A 388 -21.16 -29.15 23.51
N THR A 389 -21.72 -28.91 22.32
CA THR A 389 -22.56 -29.89 21.65
C THR A 389 -21.87 -30.59 20.49
N GLY A 390 -21.04 -29.88 19.73
CA GLY A 390 -20.32 -30.46 18.62
C GLY A 390 -20.86 -30.14 17.24
N GLU A 391 -21.84 -29.24 17.13
CA GLU A 391 -22.38 -28.88 15.81
C GLU A 391 -21.32 -28.15 14.99
N LEU A 392 -21.37 -28.36 13.67
CA LEU A 392 -20.47 -27.70 12.74
C LEU A 392 -21.17 -26.49 12.14
N GLY A 393 -20.51 -25.33 12.19
CA GLY A 393 -21.10 -24.11 11.67
C GLY A 393 -20.11 -23.37 10.79
N TYR A 394 -20.65 -22.42 10.03
CA TYR A 394 -19.86 -21.68 9.07
C TYR A 394 -20.07 -20.18 9.26
N LEU A 395 -18.97 -19.43 9.27
CA LEU A 395 -18.99 -18.00 9.47
C LEU A 395 -18.74 -17.28 8.16
N ASN A 396 -19.25 -16.06 8.08
CA ASN A 396 -18.96 -15.21 6.93
C ASN A 396 -17.49 -14.82 6.95
N PRO A 397 -16.81 -14.80 5.81
CA PRO A 397 -15.40 -14.38 5.81
C PRO A 397 -15.25 -12.90 6.11
N GLY A 398 -14.71 -12.60 7.28
CA GLY A 398 -14.48 -11.23 7.70
C GLY A 398 -15.70 -10.52 8.23
N VAL A 399 -16.32 -11.08 9.28
CA VAL A 399 -17.52 -10.46 9.84
C VAL A 399 -17.16 -9.19 10.61
N PHE A 400 -16.15 -9.27 11.47
CA PHE A 400 -15.81 -8.17 12.37
C PHE A 400 -14.50 -7.49 11.99
N THR A 401 -14.06 -7.63 10.74
CA THR A 401 -12.83 -7.00 10.29
C THR A 401 -13.13 -5.89 9.29
N GLN A 402 -12.31 -4.84 9.34
CA GLN A 402 -12.45 -3.71 8.45
C GLN A 402 -11.40 -3.72 7.34
N SER A 403 -10.66 -4.81 7.19
CA SER A 403 -9.64 -4.95 6.17
C SER A 403 -9.69 -6.36 5.62
N ARG A 404 -8.85 -6.63 4.61
CA ARG A 404 -8.76 -7.95 4.00
C ARG A 404 -7.34 -8.50 3.97
N ARG A 405 -6.41 -7.90 4.72
CA ARG A 405 -5.03 -8.34 4.69
C ARG A 405 -4.75 -9.53 5.60
N TRP A 406 -5.73 -9.95 6.40
CA TRP A 406 -5.50 -11.06 7.32
C TRP A 406 -5.39 -12.40 6.61
N LYS A 407 -5.71 -12.46 5.31
CA LYS A 407 -5.68 -13.72 4.58
C LYS A 407 -4.28 -14.12 4.11
N ASP A 408 -3.28 -13.27 4.32
CA ASP A 408 -1.95 -13.53 3.83
C ASP A 408 -0.92 -13.72 4.93
N HIS A 409 -1.25 -13.41 6.17
CA HIS A 409 -0.30 -13.45 7.27
C HIS A 409 -0.81 -14.34 8.38
N ALA A 410 0.12 -15.10 8.97
CA ALA A 410 -0.22 -16.04 10.04
C ALA A 410 -0.49 -15.35 11.37
N ASP A 411 0.26 -14.29 11.70
CA ASP A 411 -0.01 -13.55 12.92
C ASP A 411 -1.38 -12.89 12.89
N MET A 412 -1.75 -12.29 11.76
CA MET A 412 -3.07 -11.69 11.64
C MET A 412 -4.17 -12.75 11.73
N LEU A 413 -3.92 -13.93 11.16
CA LEU A 413 -4.88 -15.02 11.27
C LEU A 413 -5.04 -15.48 12.71
N LYS A 414 -3.94 -15.58 13.45
CA LYS A 414 -4.02 -15.94 14.87
C LYS A 414 -4.80 -14.90 15.66
N GLN A 415 -4.54 -13.62 15.40
CA GLN A 415 -5.27 -12.56 16.08
C GLN A 415 -6.76 -12.62 15.77
N TYR A 416 -7.09 -12.86 14.50
CA TYR A 416 -8.49 -12.98 14.11
C TYR A 416 -9.16 -14.17 14.79
N ALA A 417 -8.45 -15.29 14.88
CA ALA A 417 -9.00 -16.47 15.54
C ALA A 417 -9.28 -16.20 17.02
N THR A 418 -8.32 -15.54 17.70
CA THR A 418 -8.54 -15.22 19.11
C THR A 418 -9.70 -14.24 19.29
N CYS A 419 -9.80 -13.24 18.41
CA CYS A 419 -10.90 -12.29 18.48
C CYS A 419 -12.25 -12.98 18.27
N LEU A 420 -12.31 -13.90 17.31
CA LEU A 420 -13.55 -14.66 17.10
C LEU A 420 -13.87 -15.52 18.31
N SER A 421 -12.86 -16.15 18.91
CA SER A 421 -13.09 -16.95 20.10
C SER A 421 -13.64 -16.10 21.23
N ARG A 422 -13.19 -14.85 21.33
CA ARG A 422 -13.72 -13.96 22.36
C ARG A 422 -15.16 -13.55 22.08
N LEU A 423 -15.45 -13.17 20.83
CA LEU A 423 -16.76 -12.58 20.53
C LEU A 423 -17.85 -13.59 20.18
N LEU A 424 -17.51 -14.86 20.00
CA LEU A 424 -18.53 -15.83 19.58
C LEU A 424 -19.50 -16.21 20.70
N PRO A 425 -19.07 -16.31 21.98
CA PRO A 425 -20.04 -16.57 23.06
C PRO A 425 -21.18 -15.57 23.13
N LYS A 426 -21.00 -14.38 22.55
CA LYS A 426 -22.09 -13.41 22.49
C LYS A 426 -23.24 -13.88 21.61
N TYR A 427 -23.01 -14.87 20.74
CA TYR A 427 -24.03 -15.37 19.82
C TYR A 427 -24.38 -16.83 20.12
N ASN A 428 -24.49 -17.16 21.40
CA ASN A 428 -24.96 -18.48 21.85
C ASN A 428 -24.08 -19.60 21.30
N VAL A 429 -22.77 -19.41 21.35
CA VAL A 429 -21.81 -20.41 20.90
C VAL A 429 -20.79 -20.61 22.02
N THR A 430 -20.54 -21.86 22.37
CA THR A 430 -19.62 -22.19 23.45
C THR A 430 -18.19 -22.01 22.94
N GLU A 431 -17.19 -22.47 23.69
CA GLU A 431 -15.81 -22.27 23.27
C GLU A 431 -15.58 -22.98 21.94
N PRO A 432 -15.22 -22.25 20.88
CA PRO A 432 -15.18 -22.86 19.55
C PRO A 432 -13.81 -23.34 19.13
N GLN A 433 -13.75 -24.07 18.02
CA GLN A 433 -12.51 -24.40 17.33
C GLN A 433 -12.69 -24.01 15.87
N ILE A 434 -11.84 -23.10 15.39
CA ILE A 434 -11.99 -22.48 14.08
C ILE A 434 -10.90 -22.98 13.15
N TYR A 435 -11.30 -23.39 11.95
CA TYR A 435 -10.39 -23.83 10.90
C TYR A 435 -10.56 -22.94 9.68
N PHE A 436 -9.44 -22.56 9.06
CA PHE A 436 -9.44 -21.65 7.93
C PHE A 436 -9.00 -22.38 6.66
N ASP A 437 -9.60 -21.99 5.54
CA ASP A 437 -9.34 -22.61 4.23
C ASP A 437 -9.32 -21.50 3.19
N ILE A 438 -8.11 -21.08 2.81
CA ILE A 438 -7.92 -19.93 1.93
C ILE A 438 -7.11 -20.37 0.72
N TRP A 439 -7.59 -20.01 -0.47
CA TRP A 439 -6.94 -20.35 -1.74
C TRP A 439 -6.40 -19.06 -2.35
N VAL A 440 -5.08 -19.02 -2.57
CA VAL A 440 -4.40 -17.83 -3.10
C VAL A 440 -3.47 -18.24 -4.23
N SER A 441 -3.47 -17.46 -5.30
CA SER A 441 -2.51 -17.59 -6.39
C SER A 441 -1.72 -16.30 -6.50
N ILE A 442 -0.40 -16.42 -6.56
CA ILE A 442 0.50 -15.27 -6.54
C ILE A 442 1.25 -15.20 -7.87
N ASN A 443 1.19 -14.04 -8.52
CA ASN A 443 1.87 -13.79 -9.78
C ASN A 443 1.45 -14.77 -10.87
N ASP A 444 0.15 -14.98 -10.99
CA ASP A 444 -0.47 -15.78 -12.05
C ASP A 444 0.04 -17.22 -12.03
N ARG A 445 -0.11 -17.83 -10.86
CA ARG A 445 0.29 -19.21 -10.63
C ARG A 445 -0.95 -20.05 -10.36
N PHE A 446 -0.73 -21.33 -10.06
CA PHE A 446 -1.82 -22.21 -9.69
C PHE A 446 -2.44 -21.77 -8.37
N GLN A 447 -3.75 -21.90 -8.26
CA GLN A 447 -4.44 -21.63 -7.01
C GLN A 447 -4.16 -22.75 -6.02
N GLN A 448 -3.67 -22.40 -4.85
CA GLN A 448 -3.30 -23.39 -3.85
C GLN A 448 -3.58 -22.84 -2.46
N ARG A 449 -3.71 -23.74 -1.49
CA ARG A 449 -3.92 -23.34 -0.11
C ARG A 449 -2.66 -22.70 0.45
N ILE A 450 -2.86 -21.74 1.35
CA ILE A 450 -1.76 -21.10 2.04
C ILE A 450 -1.61 -21.60 3.47
N PHE A 451 -2.71 -21.94 4.15
CA PHE A 451 -2.66 -22.46 5.51
C PHE A 451 -3.25 -23.86 5.56
N ASP A 452 -2.81 -24.63 6.53
CA ASP A 452 -3.31 -26.00 6.73
C ASP A 452 -4.75 -25.96 7.20
N PRO A 453 -5.67 -26.64 6.51
CA PRO A 453 -7.08 -26.59 6.93
C PRO A 453 -7.44 -27.59 8.01
N ARG A 454 -6.49 -28.33 8.56
CA ARG A 454 -6.76 -29.34 9.58
C ARG A 454 -6.26 -28.94 10.96
N VAL A 455 -5.79 -27.71 11.12
CA VAL A 455 -5.20 -27.23 12.37
C VAL A 455 -6.13 -26.20 13.00
N ASP A 456 -6.33 -26.30 14.31
CA ASP A 456 -7.12 -25.33 15.05
C ASP A 456 -6.23 -24.13 15.39
N ILE A 457 -6.53 -22.98 14.79
CA ILE A 457 -5.67 -21.82 14.93
C ILE A 457 -5.69 -21.25 16.34
N VAL A 458 -6.80 -21.43 17.08
CA VAL A 458 -6.88 -20.87 18.42
C VAL A 458 -5.85 -21.50 19.34
N GLN A 459 -5.69 -22.82 19.26
CA GLN A 459 -4.74 -23.55 20.09
C GLN A 459 -3.39 -23.75 19.43
N ALA A 460 -3.20 -23.22 18.22
CA ALA A 460 -1.92 -23.36 17.53
C ALA A 460 -0.85 -22.51 18.20
N ALA A 461 0.40 -22.85 17.93
CA ALA A 461 1.56 -22.18 18.53
C ALA A 461 2.18 -21.25 17.50
N TRP A 462 2.24 -19.96 17.82
CA TRP A 462 2.86 -18.96 16.96
C TRP A 462 3.85 -18.15 17.78
N SER A 463 5.05 -17.99 17.27
CA SER A 463 6.11 -17.24 17.95
C SER A 463 6.78 -16.32 16.94
N PRO A 464 7.17 -15.12 17.36
CA PRO A 464 7.81 -14.19 16.42
C PRO A 464 9.10 -14.69 15.83
N PHE A 465 9.89 -15.46 16.59
CA PHE A 465 11.22 -15.88 16.16
C PHE A 465 11.26 -17.35 15.75
N GLN A 466 10.11 -18.00 15.65
CA GLN A 466 10.03 -19.41 15.29
C GLN A 466 9.23 -19.56 14.01
N ARG A 467 9.74 -20.38 13.09
CA ARG A 467 9.08 -20.57 11.80
C ARG A 467 7.76 -21.31 12.00
N THR A 468 6.69 -20.77 11.40
CA THR A 468 5.36 -21.34 11.59
C THR A 468 5.25 -22.70 10.90
N SER A 469 4.56 -23.63 11.56
CA SER A 469 4.47 -25.00 11.08
C SER A 469 3.20 -25.28 10.28
N TRP A 470 2.15 -24.46 10.41
CA TRP A 470 0.90 -24.69 9.70
C TRP A 470 0.76 -23.83 8.46
N VAL A 471 1.86 -23.33 7.91
CA VAL A 471 1.85 -22.60 6.65
C VAL A 471 2.32 -23.52 5.54
N GLN A 472 1.49 -23.67 4.50
CA GLN A 472 1.82 -24.55 3.39
C GLN A 472 2.93 -23.93 2.53
N PRO A 473 3.91 -24.72 2.12
CA PRO A 473 4.98 -24.20 1.26
C PRO A 473 4.46 -23.86 -0.13
N LEU A 474 5.09 -22.89 -0.76
CA LEU A 474 4.74 -22.49 -2.12
C LEU A 474 5.29 -23.52 -3.10
N LEU A 475 4.46 -23.94 -4.04
CA LEU A 475 4.85 -24.92 -5.05
C LEU A 475 5.74 -24.21 -6.06
N MET A 476 7.04 -24.16 -5.75
CA MET A 476 7.99 -23.45 -6.61
C MET A 476 8.23 -24.19 -7.92
N ASP A 477 8.25 -25.52 -7.90
CA ASP A 477 8.47 -26.29 -9.13
C ASP A 477 7.19 -26.48 -9.93
N LEU A 478 6.47 -25.38 -10.18
CA LEU A 478 5.34 -25.38 -11.11
C LEU A 478 5.24 -24.10 -11.92
N SER A 479 6.15 -23.14 -11.72
CA SER A 479 6.11 -21.90 -12.47
C SER A 479 6.23 -22.06 -13.98
N PRO A 480 7.11 -22.92 -14.53
CA PRO A 480 7.21 -23.02 -16.00
C PRO A 480 5.91 -23.36 -16.70
N TRP A 481 4.88 -23.80 -15.98
CA TRP A 481 3.57 -24.07 -16.58
C TRP A 481 2.82 -22.81 -16.98
N ARG A 482 3.32 -21.62 -16.62
CA ARG A 482 2.56 -20.39 -16.80
C ARG A 482 2.32 -20.10 -18.27
N ALA A 483 3.28 -20.41 -19.13
CA ALA A 483 3.09 -20.20 -20.57
C ALA A 483 1.94 -21.04 -21.10
N LYS A 484 1.91 -22.33 -20.72
CA LYS A 484 0.81 -23.19 -21.14
C LYS A 484 -0.52 -22.71 -20.55
N LEU A 485 -0.49 -22.23 -19.30
CA LEU A 485 -1.72 -21.72 -18.70
C LEU A 485 -2.25 -20.53 -19.47
N GLN A 486 -1.36 -19.61 -19.85
CA GLN A 486 -1.78 -18.45 -20.65
C GLN A 486 -2.31 -18.87 -22.00
N GLU A 487 -1.66 -19.87 -22.63
CA GLU A 487 -2.15 -20.35 -23.92
C GLU A 487 -3.55 -20.93 -23.80
N ILE A 488 -3.79 -21.74 -22.77
CA ILE A 488 -5.11 -22.33 -22.57
C ILE A 488 -6.14 -21.24 -22.28
N LYS A 489 -5.76 -20.24 -21.49
CA LYS A 489 -6.69 -19.15 -21.18
C LYS A 489 -7.06 -18.36 -22.44
N SER A 490 -6.07 -18.11 -23.30
CA SER A 490 -6.32 -17.35 -24.53
C SER A 490 -7.00 -18.19 -25.61
N SER A 491 -6.95 -19.51 -25.52
CA SER A 491 -7.59 -20.38 -26.50
C SER A 491 -9.04 -20.71 -26.17
N LEU A 492 -9.71 -19.84 -25.42
CA LEU A 492 -11.09 -20.06 -25.01
C LEU A 492 -11.99 -19.01 -25.64
N ASP A 493 -13.30 -19.21 -25.47
CA ASP A 493 -14.30 -18.31 -26.04
C ASP A 493 -14.45 -17.07 -25.15
N ASN A 494 -15.45 -16.25 -25.43
CA ASN A 494 -15.70 -15.03 -24.68
C ASN A 494 -16.69 -15.24 -23.53
N HIS A 495 -17.20 -16.46 -23.35
CA HIS A 495 -18.15 -16.74 -22.27
C HIS A 495 -17.76 -17.98 -21.47
N THR A 496 -16.56 -18.53 -21.68
CA THR A 496 -16.08 -19.70 -20.94
C THR A 496 -14.89 -19.29 -20.10
N GLU A 497 -14.92 -19.65 -18.81
CA GLU A 497 -13.86 -19.32 -17.88
C GLU A 497 -13.08 -20.58 -17.52
N VAL A 498 -11.90 -20.38 -16.92
CA VAL A 498 -11.04 -21.47 -16.50
C VAL A 498 -10.40 -21.10 -15.17
N VAL A 499 -10.28 -22.09 -14.28
CA VAL A 499 -9.64 -21.92 -12.98
C VAL A 499 -8.68 -23.08 -12.78
N PHE A 500 -7.41 -22.76 -12.49
CA PHE A 500 -6.37 -23.76 -12.33
C PHE A 500 -6.08 -23.97 -10.85
N ILE A 501 -6.11 -25.23 -10.42
CA ILE A 501 -5.99 -25.59 -9.01
C ILE A 501 -4.88 -26.61 -8.84
N ALA A 502 -4.04 -26.40 -7.83
CA ALA A 502 -3.01 -27.35 -7.43
C ALA A 502 -3.31 -27.81 -6.01
N ASP A 503 -3.30 -29.13 -5.80
CA ASP A 503 -3.67 -29.72 -4.52
C ASP A 503 -2.54 -30.56 -3.97
N PHE A 504 -2.40 -30.55 -2.65
CA PHE A 504 -1.38 -31.34 -1.95
C PHE A 504 -1.87 -32.77 -1.73
N PRO A 505 -0.95 -33.73 -1.62
CA PRO A 505 -1.37 -35.11 -1.32
C PRO A 505 -1.98 -35.20 0.07
N GLY A 506 -3.03 -36.02 0.18
CA GLY A 506 -3.70 -36.28 1.44
C GLY A 506 -4.89 -35.38 1.73
N LEU A 507 -5.01 -34.25 1.05
CA LEU A 507 -6.11 -33.32 1.25
C LEU A 507 -7.20 -33.55 0.21
N HIS A 508 -8.33 -32.88 0.41
CA HIS A 508 -9.46 -32.99 -0.50
C HIS A 508 -10.21 -31.68 -0.54
N LEU A 509 -10.90 -31.44 -1.66
CA LEU A 509 -11.66 -30.22 -1.89
C LEU A 509 -13.14 -30.57 -2.02
N GLU A 510 -13.97 -29.91 -1.24
CA GLU A 510 -15.42 -30.08 -1.32
C GLU A 510 -16.03 -28.85 -1.97
N ASN A 511 -16.72 -29.06 -3.09
CA ASN A 511 -17.24 -27.97 -3.90
C ASN A 511 -18.71 -28.19 -4.19
N PHE A 512 -19.46 -27.09 -4.24
CA PHE A 512 -20.88 -27.11 -4.55
C PHE A 512 -21.07 -26.36 -5.86
N VAL A 513 -21.36 -27.10 -6.93
CA VAL A 513 -21.59 -26.50 -8.24
C VAL A 513 -22.96 -25.84 -8.25
N SER A 514 -23.01 -24.57 -8.62
CA SER A 514 -24.25 -23.82 -8.61
C SER A 514 -25.21 -24.38 -9.66
N GLU A 515 -26.51 -24.08 -9.47
CA GLU A 515 -27.53 -24.57 -10.38
C GLU A 515 -27.38 -23.98 -11.77
N ASP A 516 -27.05 -22.69 -11.87
CA ASP A 516 -26.93 -22.03 -13.17
C ASP A 516 -25.62 -22.31 -13.87
N LEU A 517 -24.69 -23.03 -13.24
CA LEU A 517 -23.39 -23.33 -13.84
C LEU A 517 -23.49 -24.61 -14.66
N GLY A 518 -24.25 -24.53 -15.75
CA GLY A 518 -24.34 -25.64 -16.67
C GLY A 518 -23.07 -25.79 -17.49
N ASN A 519 -22.88 -27.00 -18.02
CA ASN A 519 -21.69 -27.34 -18.82
C ASN A 519 -20.42 -27.09 -18.02
N THR A 520 -20.28 -27.81 -16.92
CA THR A 520 -19.10 -27.73 -16.07
C THR A 520 -18.31 -29.02 -16.18
N SER A 521 -16.99 -28.89 -16.34
CA SER A 521 -16.13 -30.05 -16.55
C SER A 521 -14.81 -29.83 -15.82
N ILE A 522 -14.12 -30.93 -15.55
CA ILE A 522 -12.82 -30.91 -14.88
C ILE A 522 -11.85 -31.76 -15.69
N GLN A 523 -10.67 -31.20 -15.95
CA GLN A 523 -9.64 -31.86 -16.75
C GLN A 523 -8.35 -31.91 -15.95
N LEU A 524 -7.73 -33.10 -15.92
CA LEU A 524 -6.49 -33.28 -15.16
C LEU A 524 -5.29 -32.86 -15.99
N LEU A 525 -4.21 -32.45 -15.31
CA LEU A 525 -2.96 -32.08 -15.94
C LEU A 525 -1.78 -32.92 -15.47
N GLN A 526 -1.66 -33.14 -14.17
CA GLN A 526 -0.49 -33.82 -13.61
C GLN A 526 -0.94 -34.64 -12.42
N GLY A 527 -0.23 -35.73 -12.16
CA GLY A 527 -0.61 -36.60 -11.07
C GLY A 527 -1.91 -37.32 -11.37
N GLU A 528 -2.55 -37.78 -10.30
CA GLU A 528 -3.82 -38.49 -10.40
C GLU A 528 -4.74 -38.06 -9.27
N VAL A 529 -6.03 -37.96 -9.57
CA VAL A 529 -7.04 -37.53 -8.61
C VAL A 529 -8.24 -38.47 -8.68
N THR A 530 -9.05 -38.44 -7.62
CA THR A 530 -10.28 -39.21 -7.55
C THR A 530 -11.45 -38.25 -7.37
N VAL A 531 -12.40 -38.28 -8.29
CA VAL A 531 -13.56 -37.39 -8.28
C VAL A 531 -14.75 -38.17 -7.74
N GLU A 532 -15.42 -37.60 -6.73
CA GLU A 532 -16.49 -38.25 -6.00
C GLU A 532 -17.78 -37.46 -6.21
N LEU A 533 -18.91 -38.16 -6.16
CA LEU A 533 -20.22 -37.50 -6.28
C LEU A 533 -21.04 -37.80 -5.03
N VAL A 534 -21.23 -36.78 -4.19
CA VAL A 534 -21.76 -36.95 -2.84
C VAL A 534 -23.15 -37.56 -2.86
N ALA A 535 -24.00 -37.11 -3.78
CA ALA A 535 -25.39 -37.54 -3.82
C ALA A 535 -25.51 -39.04 -4.03
N GLU A 536 -24.78 -39.58 -5.01
CA GLU A 536 -24.87 -41.00 -5.34
C GLU A 536 -23.67 -41.80 -4.86
N GLN A 537 -22.68 -41.15 -4.24
CA GLN A 537 -21.55 -41.82 -3.62
C GLN A 537 -20.78 -42.67 -4.63
N LYS A 538 -20.29 -42.04 -5.70
CA LYS A 538 -19.59 -42.77 -6.77
C LYS A 538 -18.23 -42.13 -7.00
N ASN A 539 -17.17 -42.86 -6.70
CA ASN A 539 -15.82 -42.40 -7.02
C ASN A 539 -15.51 -42.63 -8.50
N GLN A 540 -14.47 -41.94 -8.99
CA GLN A 540 -13.99 -42.16 -10.34
C GLN A 540 -12.55 -41.66 -10.43
N THR A 541 -11.61 -42.57 -10.59
CA THR A 541 -10.20 -42.20 -10.70
C THR A 541 -9.95 -41.59 -12.08
N LEU A 542 -9.07 -40.58 -12.11
CA LEU A 542 -8.71 -39.89 -13.34
C LEU A 542 -7.20 -39.86 -13.49
N ARG A 543 -6.74 -39.80 -14.73
CA ARG A 543 -5.32 -39.72 -15.05
C ARG A 543 -5.05 -38.49 -15.92
N GLU A 544 -3.79 -38.33 -16.30
CA GLU A 544 -3.39 -37.16 -17.08
C GLU A 544 -4.08 -37.15 -18.43
N GLY A 545 -4.77 -36.05 -18.73
CA GLY A 545 -5.44 -35.88 -19.99
C GLY A 545 -6.92 -36.24 -20.00
N GLU A 546 -7.38 -36.98 -19.01
CA GLU A 546 -8.78 -37.37 -18.96
C GLU A 546 -9.66 -36.17 -18.64
N LYS A 547 -10.92 -36.25 -19.07
CA LYS A 547 -11.88 -35.17 -18.88
C LYS A 547 -13.18 -35.73 -18.34
N MET A 548 -13.79 -35.01 -17.39
CA MET A 548 -15.05 -35.44 -16.77
C MET A 548 -16.15 -34.43 -17.08
N GLN A 549 -17.35 -34.67 -16.52
CA GLN A 549 -18.43 -33.70 -16.59
C GLN A 549 -19.22 -33.82 -15.30
N LEU A 550 -19.35 -32.72 -14.56
CA LEU A 550 -19.96 -32.74 -13.24
C LEU A 550 -21.36 -32.13 -13.29
N PRO A 551 -22.34 -32.76 -12.64
CA PRO A 551 -23.70 -32.21 -12.63
C PRO A 551 -23.77 -30.93 -11.81
N ALA A 552 -24.75 -30.10 -12.17
CA ALA A 552 -24.96 -28.82 -11.49
C ALA A 552 -25.98 -28.95 -10.38
N GLY A 553 -25.81 -28.15 -9.34
CA GLY A 553 -26.72 -28.15 -8.21
C GLY A 553 -26.48 -29.22 -7.18
N GLU A 554 -25.34 -29.90 -7.23
CA GLU A 554 -25.01 -30.96 -6.29
C GLU A 554 -23.61 -30.75 -5.75
N TYR A 555 -23.25 -31.56 -4.75
CA TYR A 555 -21.91 -31.53 -4.19
C TYR A 555 -21.01 -32.52 -4.93
N HIS A 556 -19.70 -32.28 -4.81
CA HIS A 556 -18.71 -33.23 -5.30
C HIS A 556 -17.41 -33.01 -4.55
N LYS A 557 -16.57 -34.03 -4.57
CA LYS A 557 -15.30 -34.01 -3.85
C LYS A 557 -14.18 -34.44 -4.78
N VAL A 558 -13.02 -33.81 -4.65
CA VAL A 558 -11.83 -34.16 -5.41
C VAL A 558 -10.75 -34.57 -4.42
N TYR A 559 -10.26 -35.79 -4.55
CA TYR A 559 -9.24 -36.35 -3.66
C TYR A 559 -7.92 -36.47 -4.40
N THR A 560 -6.84 -36.10 -3.74
CA THR A 560 -5.49 -36.21 -4.28
C THR A 560 -4.83 -37.45 -3.67
N THR A 561 -4.50 -38.42 -4.52
CA THR A 561 -3.89 -39.66 -4.07
C THR A 561 -2.44 -39.82 -4.52
N SER A 562 -1.99 -39.05 -5.49
CA SER A 562 -0.61 -39.15 -5.95
C SER A 562 0.35 -38.67 -4.86
N PRO A 563 1.58 -39.21 -4.83
CA PRO A 563 2.54 -38.77 -3.80
C PRO A 563 3.20 -37.44 -4.17
N SER A 564 2.70 -36.79 -5.20
CA SER A 564 3.17 -35.49 -5.65
C SER A 564 1.98 -34.57 -5.87
N PRO A 565 2.16 -33.26 -5.79
CA PRO A 565 1.05 -32.34 -6.02
C PRO A 565 0.48 -32.51 -7.42
N SER A 566 -0.84 -32.37 -7.52
CA SER A 566 -1.57 -32.55 -8.77
C SER A 566 -2.24 -31.25 -9.17
N CYS A 567 -2.42 -31.06 -10.48
CA CYS A 567 -3.00 -29.85 -11.02
C CYS A 567 -4.15 -30.22 -11.95
N TYR A 568 -5.25 -29.49 -11.85
CA TYR A 568 -6.40 -29.68 -12.72
C TYR A 568 -7.09 -28.33 -12.92
N MET A 569 -8.04 -28.29 -13.87
CA MET A 569 -8.75 -27.06 -14.13
C MET A 569 -10.24 -27.29 -13.99
N TYR A 570 -10.98 -26.20 -13.80
CA TYR A 570 -12.43 -26.17 -13.97
C TYR A 570 -12.77 -25.36 -15.20
N VAL A 571 -13.63 -25.93 -16.04
CA VAL A 571 -14.16 -25.23 -17.21
C VAL A 571 -15.66 -25.15 -17.05
N TYR A 572 -16.20 -23.94 -17.14
CA TYR A 572 -17.62 -23.73 -16.87
C TYR A 572 -18.12 -22.54 -17.68
N VAL A 573 -19.43 -22.54 -17.91
CA VAL A 573 -20.10 -21.44 -18.60
C VAL A 573 -21.34 -21.06 -17.80
N ASN A 574 -21.66 -19.77 -17.80
CA ASN A 574 -22.89 -19.30 -17.19
C ASN A 574 -24.04 -19.43 -18.18
N THR A 575 -24.72 -20.58 -18.17
CA THR A 575 -25.80 -20.80 -19.14
C THR A 575 -26.97 -19.86 -18.90
N THR A 576 -27.21 -19.45 -17.65
CA THR A 576 -28.23 -18.46 -17.39
C THR A 576 -27.87 -17.13 -18.03
N GLU A 577 -26.60 -16.73 -17.91
CA GLU A 577 -26.15 -15.49 -18.56
C GLU A 577 -26.29 -15.59 -20.07
N LEU A 578 -25.95 -16.75 -20.64
CA LEU A 578 -26.08 -16.94 -22.08
C LEU A 578 -27.52 -16.83 -22.52
N ALA A 579 -28.43 -17.49 -21.81
CA ALA A 579 -29.84 -17.45 -22.18
C ALA A 579 -30.40 -16.03 -22.05
N LEU A 580 -30.07 -15.35 -20.95
CA LEU A 580 -30.54 -14.00 -20.76
C LEU A 580 -30.03 -13.07 -21.86
N GLU A 581 -28.75 -13.18 -22.20
CA GLU A 581 -28.20 -12.31 -23.23
C GLU A 581 -28.78 -12.61 -24.61
N GLN A 582 -28.99 -13.88 -24.93
CA GLN A 582 -29.53 -14.21 -26.24
C GLN A 582 -30.99 -13.74 -26.37
N ASP A 583 -31.80 -13.93 -25.31
CA ASP A 583 -33.17 -13.43 -25.39
C ASP A 583 -33.21 -11.90 -25.40
N LEU A 584 -32.30 -11.26 -24.67
CA LEU A 584 -32.22 -9.79 -24.71
C LEU A 584 -31.85 -9.31 -26.11
N ALA A 585 -30.88 -9.96 -26.74
CA ALA A 585 -30.49 -9.58 -28.10
C ALA A 585 -31.63 -9.78 -29.08
N TYR A 586 -32.37 -10.89 -28.95
CA TYR A 586 -33.54 -11.11 -29.78
C TYR A 586 -34.57 -10.01 -29.60
N LEU A 587 -34.95 -9.75 -28.34
CA LEU A 587 -35.98 -8.77 -28.02
C LEU A 587 -35.58 -7.35 -28.36
N GLN A 588 -34.27 -7.07 -28.45
CA GLN A 588 -33.80 -5.74 -28.83
C GLN A 588 -33.70 -5.58 -30.35
N GLU A 589 -33.06 -6.53 -31.03
CA GLU A 589 -32.91 -6.44 -32.47
C GLU A 589 -34.26 -6.51 -33.18
N LEU A 590 -35.14 -7.43 -32.77
CA LEU A 590 -36.45 -7.52 -33.41
C LEU A 590 -37.28 -6.28 -33.11
N LYS A 591 -37.20 -5.75 -31.89
CA LYS A 591 -37.93 -4.53 -31.56
C LYS A 591 -37.44 -3.36 -32.42
N GLU A 592 -36.13 -3.24 -32.61
CA GLU A 592 -35.60 -2.19 -33.46
C GLU A 592 -36.04 -2.37 -34.91
N LYS A 593 -36.04 -3.61 -35.40
CA LYS A 593 -36.46 -3.87 -36.77
C LYS A 593 -37.93 -3.52 -36.98
N VAL A 594 -38.79 -3.86 -36.01
CA VAL A 594 -40.21 -3.54 -36.13
C VAL A 594 -40.43 -2.03 -36.03
N GLU A 595 -39.73 -1.36 -35.10
CA GLU A 595 -39.91 0.08 -34.93
C GLU A 595 -39.45 0.85 -36.16
N ASN A 596 -38.32 0.45 -36.74
CA ASN A 596 -37.80 1.11 -37.94
C ASN A 596 -38.28 0.37 -39.19
N GLY A 597 -39.59 0.39 -39.38
CA GLY A 597 -40.21 -0.27 -40.52
C GLY A 597 -41.07 -1.45 -40.13
N PRO A 621 -39.64 -0.71 -16.98
CA PRO A 621 -40.03 -1.94 -17.68
C PRO A 621 -39.57 -3.20 -16.94
N THR A 622 -39.49 -4.31 -17.66
CA THR A 622 -39.04 -5.55 -17.05
C THR A 622 -37.55 -5.46 -16.71
N PRO A 623 -37.10 -6.20 -15.70
CA PRO A 623 -35.67 -6.12 -15.33
C PRO A 623 -34.72 -6.48 -16.46
N LEU A 624 -35.09 -7.43 -17.32
CA LEU A 624 -34.19 -7.82 -18.41
C LEU A 624 -33.96 -6.68 -19.39
N VAL A 625 -35.03 -5.92 -19.72
CA VAL A 625 -34.85 -4.72 -20.52
C VAL A 625 -34.18 -3.63 -19.70
N GLN A 626 -34.40 -3.62 -18.39
CA GLN A 626 -33.83 -2.59 -17.54
C GLN A 626 -32.31 -2.67 -17.51
N THR A 627 -31.77 -3.89 -17.52
CA THR A 627 -30.32 -4.06 -17.52
C THR A 627 -29.70 -3.44 -18.77
N PHE A 628 -30.28 -3.72 -19.94
CA PHE A 628 -29.76 -3.14 -21.18
C PHE A 628 -29.97 -1.63 -21.22
N LEU A 629 -31.09 -1.14 -20.68
CA LEU A 629 -31.30 0.30 -20.61
C LEU A 629 -30.24 0.98 -19.75
N ARG A 630 -29.93 0.39 -18.59
CA ARG A 630 -28.89 0.94 -17.73
C ARG A 630 -27.52 0.89 -18.41
N ARG A 631 -27.23 -0.21 -19.11
CA ARG A 631 -25.96 -0.31 -19.82
C ARG A 631 -25.84 0.76 -20.91
N GLN A 632 -26.92 0.97 -21.67
CA GLN A 632 -26.91 2.00 -22.71
C GLN A 632 -26.76 3.39 -22.11
N GLN A 633 -27.46 3.65 -20.99
CA GLN A 633 -27.33 4.95 -20.33
C GLN A 633 -25.91 5.19 -19.84
N ARG A 634 -25.30 4.16 -19.25
CA ARG A 634 -23.92 4.29 -18.78
C ARG A 634 -22.96 4.51 -19.94
N LEU A 635 -23.15 3.81 -21.06
CA LEU A 635 -22.30 4.01 -22.22
C LEU A 635 -22.45 5.43 -22.77
N GLN A 636 -23.69 5.93 -22.86
CA GLN A 636 -23.90 7.29 -23.34
C GLN A 636 -23.28 8.31 -22.41
N GLU A 637 -23.40 8.11 -21.10
CA GLU A 637 -22.80 9.03 -20.14
C GLU A 637 -21.28 9.01 -20.24
N ILE A 638 -20.70 7.82 -20.42
CA ILE A 638 -19.25 7.70 -20.57
C ILE A 638 -18.78 8.43 -21.83
N GLU A 639 -19.50 8.25 -22.94
CA GLU A 639 -19.14 8.94 -24.17
C GLU A 639 -19.25 10.45 -24.02
N ARG A 640 -20.32 10.91 -23.35
CA ARG A 640 -20.49 12.35 -23.14
C ARG A 640 -19.38 12.91 -22.25
N ARG A 641 -19.01 12.18 -21.21
CA ARG A 641 -17.92 12.63 -20.35
C ARG A 641 -16.60 12.67 -21.10
N ARG A 642 -16.36 11.68 -21.97
CA ARG A 642 -15.15 11.70 -22.78
C ARG A 642 -15.15 12.91 -23.71
N ASN A 643 -16.30 13.24 -24.30
CA ASN A 643 -16.41 14.45 -25.11
C ASN A 643 -16.36 15.70 -24.24
N THR A 644 -16.82 15.60 -23.00
CA THR A 644 -16.79 16.75 -22.09
C THR A 644 -15.35 17.11 -21.75
N PRO A 645 -14.98 18.39 -21.77
CA PRO A 645 -13.61 18.76 -21.40
C PRO A 645 -13.32 18.49 -19.94
N PHE A 646 -12.03 18.46 -19.62
CA PHE A 646 -11.56 18.07 -18.29
C PHE A 646 -11.87 19.09 -17.21
N HIS A 647 -12.32 20.29 -17.57
CA HIS A 647 -12.56 21.33 -16.56
C HIS A 647 -13.71 20.95 -15.63
N GLU A 648 -14.76 20.31 -16.18
CA GLU A 648 -15.87 19.88 -15.33
C GLU A 648 -15.43 18.82 -14.34
N ARG A 649 -14.62 17.85 -14.79
CA ARG A 649 -14.09 16.85 -13.88
C ARG A 649 -13.18 17.46 -12.83
N PHE A 650 -12.37 18.45 -13.22
CA PHE A 650 -11.55 19.16 -12.24
C PHE A 650 -12.41 19.85 -11.19
N PHE A 651 -13.49 20.50 -11.62
CA PHE A 651 -14.39 21.15 -10.68
C PHE A 651 -15.03 20.14 -9.74
N ARG A 652 -15.44 18.98 -10.25
CA ARG A 652 -16.02 17.94 -9.40
C ARG A 652 -14.99 17.42 -8.40
N PHE A 653 -13.75 17.24 -8.84
CA PHE A 653 -12.69 16.80 -7.94
C PHE A 653 -12.46 17.81 -6.83
N LEU A 654 -12.42 19.09 -7.18
CA LEU A 654 -12.25 20.14 -6.17
C LEU A 654 -13.42 20.14 -5.19
N LEU A 655 -14.64 19.95 -5.69
CA LEU A 655 -15.81 19.92 -4.83
C LEU A 655 -15.74 18.76 -3.85
N ARG A 656 -15.34 17.57 -4.34
CA ARG A 656 -15.21 16.41 -3.46
C ARG A 656 -14.17 16.65 -2.38
N LYS A 657 -13.02 17.21 -2.75
CA LYS A 657 -11.99 17.49 -1.76
C LYS A 657 -12.47 18.50 -0.73
N LEU A 658 -13.15 19.56 -1.17
CA LEU A 658 -13.67 20.55 -0.24
C LEU A 658 -14.69 19.94 0.71
N TYR A 659 -15.54 19.05 0.19
CA TYR A 659 -16.52 18.37 1.05
C TYR A 659 -15.82 17.53 2.11
N VAL A 660 -14.78 16.78 1.71
CA VAL A 660 -14.06 15.95 2.68
C VAL A 660 -13.42 16.82 3.76
N PHE A 661 -12.78 17.92 3.34
CA PHE A 661 -12.11 18.80 4.29
C PHE A 661 -13.11 19.42 5.26
N ARG A 662 -14.25 19.88 4.75
CA ARG A 662 -15.24 20.52 5.61
C ARG A 662 -15.85 19.51 6.59
N ARG A 663 -16.08 18.28 6.14
CA ARG A 663 -16.59 17.26 7.04
C ARG A 663 -15.60 16.96 8.16
N SER A 664 -14.32 16.81 7.81
CA SER A 664 -13.30 16.55 8.82
C SER A 664 -13.24 17.68 9.84
N PHE A 665 -13.24 18.93 9.35
CA PHE A 665 -13.14 20.06 10.26
C PHE A 665 -14.36 20.13 11.19
N LEU A 666 -15.56 19.95 10.64
CA LEU A 666 -16.76 20.05 11.46
C LEU A 666 -16.81 18.95 12.52
N MET A 667 -16.46 17.72 12.13
CA MET A 667 -16.50 16.63 13.12
C MET A 667 -15.44 16.83 14.19
N THR A 668 -14.25 17.30 13.81
CA THR A 668 -13.21 17.56 14.80
C THR A 668 -13.65 18.65 15.77
N CYS A 669 -14.27 19.72 15.27
CA CYS A 669 -14.78 20.76 16.15
C CYS A 669 -15.86 20.23 17.08
N ILE A 670 -16.75 19.39 16.56
CA ILE A 670 -17.82 18.82 17.37
C ILE A 670 -17.23 18.01 18.52
N SER A 671 -16.24 17.16 18.22
CA SER A 671 -15.64 16.33 19.25
C SER A 671 -14.86 17.17 20.26
N LEU A 672 -14.19 18.23 19.79
CA LEU A 672 -13.46 19.09 20.72
C LEU A 672 -14.41 19.80 21.67
N ARG A 673 -15.53 20.31 21.14
CA ARG A 673 -16.54 20.92 21.99
C ARG A 673 -17.10 19.93 22.99
N ASN A 674 -17.39 18.71 22.54
CA ASN A 674 -17.91 17.68 23.45
C ASN A 674 -16.91 17.39 24.56
N LEU A 675 -15.63 17.25 24.21
CA LEU A 675 -14.60 16.94 25.19
C LEU A 675 -14.33 18.06 26.18
N ILE A 676 -14.37 19.32 25.72
CA ILE A 676 -14.02 20.44 26.59
C ILE A 676 -15.23 20.90 27.41
N LEU A 677 -16.29 21.33 26.73
CA LEU A 677 -17.45 21.89 27.41
C LEU A 677 -18.19 20.83 28.23
N GLY A 678 -18.67 19.79 27.56
CA GLY A 678 -19.45 18.76 28.21
C GLY A 678 -20.40 18.10 27.23
N ARG A 679 -20.82 16.87 27.52
CA ARG A 679 -21.64 16.11 26.58
C ARG A 679 -23.05 16.70 26.52
N PRO A 680 -23.51 17.15 25.36
CA PRO A 680 -24.87 17.72 25.27
C PRO A 680 -25.93 16.65 25.21
N SER A 681 -27.19 17.06 25.02
CA SER A 681 -28.30 16.14 24.85
C SER A 681 -28.21 15.46 23.49
N LEU A 682 -29.01 14.41 23.32
CA LEU A 682 -28.94 13.62 22.09
C LEU A 682 -29.43 14.41 20.88
N GLU A 683 -30.43 15.28 21.09
CA GLU A 683 -31.04 15.98 19.97
C GLU A 683 -30.06 16.93 19.29
N GLN A 684 -29.26 17.66 20.07
CA GLN A 684 -28.31 18.60 19.49
C GLN A 684 -27.27 17.89 18.64
N LEU A 685 -26.79 16.73 19.12
CA LEU A 685 -25.79 15.97 18.38
C LEU A 685 -26.31 15.51 17.03
N ALA A 686 -27.57 15.06 16.98
CA ALA A 686 -28.15 14.63 15.71
C ALA A 686 -28.22 15.78 14.71
N GLN A 687 -28.67 16.95 15.17
CA GLN A 687 -28.73 18.12 14.29
C GLN A 687 -27.34 18.50 13.79
N GLU A 688 -26.36 18.50 14.68
CA GLU A 688 -25.00 18.85 14.29
C GLU A 688 -24.44 17.86 13.27
N VAL A 689 -24.69 16.57 13.49
CA VAL A 689 -24.19 15.55 12.57
C VAL A 689 -24.85 15.69 11.21
N THR A 690 -26.17 15.94 11.19
CA THR A 690 -26.86 16.17 9.92
C THR A 690 -26.34 17.40 9.20
N TYR A 691 -26.03 18.47 9.94
CA TYR A 691 -25.42 19.65 9.32
C TYR A 691 -24.01 19.37 8.81
N ALA A 692 -23.30 18.44 9.43
CA ALA A 692 -21.92 18.16 9.02
C ALA A 692 -21.85 17.64 7.58
N ASN A 693 -22.78 16.79 7.18
CA ASN A 693 -22.82 16.24 5.83
C ASN A 693 -23.91 16.97 5.06
N LEU A 694 -23.51 17.92 4.20
CA LEU A 694 -24.46 18.72 3.46
C LEU A 694 -24.17 18.85 1.97
N ARG A 695 -22.94 18.59 1.51
CA ARG A 695 -22.54 18.85 0.13
C ARG A 695 -22.88 20.27 -0.24
N PRO A 696 -22.12 21.27 0.26
CA PRO A 696 -22.56 22.68 0.27
C PRO A 696 -23.23 23.17 -1.00
N PHE A 697 -22.55 23.10 -2.14
CA PHE A 697 -23.12 23.55 -3.40
C PHE A 697 -22.72 22.59 -4.51
N GLU A 698 -23.56 22.53 -5.54
CA GLU A 698 -23.32 21.65 -6.68
C GLU A 698 -23.60 22.37 -7.99
N LEU B 1 -24.57 -8.32 13.98
CA LEU B 1 -25.20 -8.71 12.73
C LEU B 1 -25.49 -10.21 12.74
N ASN B 2 -25.47 -10.82 11.54
CA ASN B 2 -25.63 -12.25 11.42
C ASN B 2 -24.32 -12.86 10.92
N PRO B 3 -23.52 -13.47 11.79
CA PRO B 3 -22.21 -14.00 11.34
C PRO B 3 -22.28 -15.41 10.82
N PHE B 4 -23.48 -15.93 10.56
CA PHE B 4 -23.66 -17.32 10.18
C PHE B 4 -24.23 -17.42 8.78
N ILE B 5 -23.85 -18.48 8.06
CA ILE B 5 -24.38 -18.78 6.74
C ILE B 5 -24.64 -20.28 6.66
N ASN B 6 -25.19 -20.70 5.52
CA ASN B 6 -25.55 -22.10 5.31
C ASN B 6 -24.32 -22.92 4.94
N ARG B 7 -24.53 -24.20 4.59
CA ARG B 7 -23.46 -25.05 4.09
C ARG B 7 -23.32 -25.00 2.57
N ARG B 8 -24.42 -24.80 1.85
CA ARG B 8 -24.38 -24.64 0.40
C ARG B 8 -23.88 -23.27 -0.03
N ASN B 9 -23.86 -22.30 0.90
CA ASN B 9 -23.37 -20.96 0.59
C ASN B 9 -21.92 -20.76 0.99
N ALA B 10 -21.36 -21.64 1.82
CA ALA B 10 -19.97 -21.53 2.24
C ALA B 10 -19.06 -22.46 1.47
N ASN B 11 -19.56 -23.12 0.42
CA ASN B 11 -18.79 -24.09 -0.33
C ASN B 11 -18.77 -23.80 -1.83
N THR B 12 -19.34 -22.69 -2.28
CA THR B 12 -19.35 -22.34 -3.69
C THR B 12 -17.96 -21.85 -4.07
N PHE B 13 -17.09 -22.78 -4.45
CA PHE B 13 -15.74 -22.43 -4.87
C PHE B 13 -15.73 -21.58 -6.14
N ILE B 14 -16.57 -21.92 -7.12
CA ILE B 14 -16.62 -21.19 -8.38
C ILE B 14 -17.74 -20.16 -8.31
N SER B 15 -17.36 -18.90 -8.13
CA SER B 15 -18.29 -17.78 -8.01
C SER B 15 -17.60 -16.48 -8.38
N PRO B 16 -18.35 -15.42 -8.72
CA PRO B 16 -17.71 -14.12 -8.90
C PRO B 16 -17.07 -13.65 -7.60
N GLN B 17 -15.74 -13.54 -7.61
CA GLN B 17 -14.99 -13.40 -6.37
C GLN B 17 -15.38 -12.13 -5.62
N GLN B 18 -15.03 -10.97 -6.19
CA GLN B 18 -15.14 -9.64 -5.60
C GLN B 18 -14.34 -8.68 -6.46
N ARG B 19 -13.02 -8.94 -6.57
CA ARG B 19 -12.07 -8.16 -7.36
C ARG B 19 -12.31 -6.65 -7.24
N TRP B 20 -12.15 -6.17 -6.00
CA TRP B 20 -12.34 -4.75 -5.71
C TRP B 20 -11.18 -3.95 -6.30
N ARG B 21 -11.19 -3.75 -7.62
CA ARG B 21 -10.12 -3.07 -8.35
C ARG B 21 -8.82 -3.84 -8.14
N ALA B 22 -7.68 -3.17 -8.34
CA ALA B 22 -6.40 -3.84 -8.15
C ALA B 22 -6.15 -4.13 -6.67
N LYS B 23 -6.36 -3.14 -5.82
CA LYS B 23 -6.17 -3.26 -4.37
C LYS B 23 -4.78 -3.82 -4.04
N VAL B 24 -3.77 -3.29 -4.73
CA VAL B 24 -2.40 -3.65 -4.40
C VAL B 24 -2.08 -3.19 -2.98
N GLN B 25 -1.09 -3.86 -2.40
CA GLN B 25 -0.76 -3.59 -0.99
C GLN B 25 -0.08 -2.21 -0.83
N GLU B 26 0.20 -1.46 -1.89
CA GLU B 26 0.75 -0.09 -1.80
C GLU B 26 -0.32 0.95 -2.16
N ARG B 27 -1.54 0.55 -2.42
CA ARG B 27 -2.61 1.52 -2.65
C ARG B 27 -3.06 2.13 -1.34
N ILE B 28 -3.60 3.35 -1.43
CA ILE B 28 -3.97 4.10 -0.21
C ILE B 28 -5.10 3.39 0.52
N ARG B 29 -6.03 2.78 -0.20
CA ARG B 29 -7.13 2.07 0.42
C ARG B 29 -7.13 0.60 0.04
#